data_4J4V
#
_entry.id   4J4V
#
_cell.length_a   103.145
_cell.length_b   154.888
_cell.length_c   93.291
_cell.angle_alpha   90.00
_cell.angle_beta   102.12
_cell.angle_gamma   90.00
#
_symmetry.space_group_name_H-M   'C 1 2 1'
#
loop_
_entity.id
_entity.type
_entity.pdbx_description
1 polymer 'Nucleocapsid protein'
2 non-polymer "8,8'-[CARBONYLBIS[IMINO-3,1-PHENYLENECARBONYLIMINO(4-METHYL-3,1-PHENYLENE)CARBONYLIMINO]]BIS-1,3,5-NAPHTHALENETRISULFON IC ACID"
3 water water
#
_entity_poly.entity_id   1
_entity_poly.type   'polypeptide(L)'
_entity_poly.pdbx_seq_one_letter_code
;SNAMSEWSRIAVEFGEQQLNLTELEDFARELAYEGLDPALIIKKLKETGGDDWVKDTKFIIVFALTRGNKIVKASGKMSN
SGSKRLMALQEKYGLVERAETRLSITPVRVAQSLPTWTCAAAAALKEYLPVGPAVMNLKVENYPPEMMCMAFGSLIPTAG
VSEATTKTLMEAYSLWQDAFTKTINVKMRGASKTEVYNSFRDPLHAAVNSVFFPNDVRVKWLKAKGILGPDGVPSRAAEV
AAAAYRNL
;
_entity_poly.pdbx_strand_id   A,B,C,E,D
#
loop_
_chem_comp.id
_chem_comp.type
_chem_comp.name
_chem_comp.formula
SVR non-polymer '8,8'-[CARBONYLBIS[IMINO-3,1-PHENYLENECARBONYLIMINO(4-METHYL-3,1-PHENYLENE)CARBONYLIMINO]]BIS-1,3,5-NAPHTHALENETRISULFON IC ACID' 'C51 H40 N6 O23 S6'
#
# COMPACT_ATOMS: atom_id res chain seq x y z
N SER A 5 -43.79 1.79 -15.21
CA SER A 5 -44.52 0.88 -16.09
C SER A 5 -44.61 1.48 -17.49
N GLU A 6 -44.55 2.79 -17.55
CA GLU A 6 -44.55 3.50 -18.81
C GLU A 6 -43.08 3.63 -19.18
N TRP A 7 -42.25 3.79 -18.15
CA TRP A 7 -40.81 3.80 -18.31
C TRP A 7 -40.28 2.42 -18.69
N SER A 8 -40.91 1.38 -18.14
CA SER A 8 -40.57 0.00 -18.48
C SER A 8 -40.96 -0.27 -19.93
N ARG A 9 -42.12 0.26 -20.32
CA ARG A 9 -42.63 0.07 -21.66
C ARG A 9 -41.65 0.73 -22.63
N ILE A 10 -41.21 1.93 -22.26
CA ILE A 10 -40.19 2.67 -23.02
C ILE A 10 -38.89 1.87 -23.13
N ALA A 11 -38.47 1.27 -22.02
CA ALA A 11 -37.26 0.47 -21.99
C ALA A 11 -37.33 -0.71 -22.97
N VAL A 12 -38.49 -1.38 -22.99
CA VAL A 12 -38.71 -2.51 -23.89
C VAL A 12 -38.70 -2.06 -25.35
N GLU A 13 -39.43 -0.99 -25.63
CA GLU A 13 -39.54 -0.46 -26.98
C GLU A 13 -38.18 -0.03 -27.52
N PHE A 14 -37.38 0.56 -26.64
CA PHE A 14 -36.02 0.95 -26.96
C PHE A 14 -35.20 -0.24 -27.41
N GLY A 15 -35.35 -1.35 -26.70
CA GLY A 15 -34.62 -2.56 -27.02
C GLY A 15 -35.20 -3.32 -28.20
N GLU A 16 -36.37 -2.89 -28.68
CA GLU A 16 -36.94 -3.52 -29.87
C GLU A 16 -36.52 -2.81 -31.18
N GLN A 17 -35.73 -1.76 -31.06
CA GLN A 17 -35.25 -1.04 -32.24
C GLN A 17 -34.24 -1.86 -33.03
N GLN A 18 -34.22 -1.65 -34.34
CA GLN A 18 -33.19 -2.24 -35.20
C GLN A 18 -31.87 -1.50 -35.03
N LEU A 19 -30.78 -2.24 -35.01
CA LEU A 19 -29.44 -1.67 -34.93
C LEU A 19 -28.94 -1.15 -36.28
N ASN A 20 -28.45 0.08 -36.28
CA ASN A 20 -27.72 0.64 -37.40
C ASN A 20 -26.24 0.40 -37.18
N LEU A 21 -25.74 -0.69 -37.75
CA LEU A 21 -24.36 -1.14 -37.53
C LEU A 21 -23.29 -0.09 -37.85
N THR A 22 -23.46 0.63 -38.95
CA THR A 22 -22.49 1.63 -39.38
C THR A 22 -22.46 2.79 -38.38
N GLU A 23 -23.63 3.18 -37.88
CA GLU A 23 -23.73 4.19 -36.85
C GLU A 23 -22.99 3.80 -35.57
N LEU A 24 -23.13 2.53 -35.20
CA LEU A 24 -22.49 1.99 -34.01
C LEU A 24 -20.97 1.96 -34.16
N GLU A 25 -20.50 1.42 -35.27
CA GLU A 25 -19.06 1.35 -35.55
C GLU A 25 -18.46 2.75 -35.59
N ASP A 26 -19.19 3.69 -36.18
CA ASP A 26 -18.76 5.08 -36.18
C ASP A 26 -18.60 5.63 -34.76
N PHE A 27 -19.60 5.40 -33.91
CA PHE A 27 -19.52 5.84 -32.52
C PHE A 27 -18.33 5.21 -31.78
N ALA A 28 -18.16 3.91 -31.96
CA ALA A 28 -17.08 3.17 -31.30
C ALA A 28 -15.70 3.67 -31.72
N ARG A 29 -15.51 3.87 -33.02
CA ARG A 29 -14.26 4.42 -33.54
C ARG A 29 -14.00 5.83 -33.01
N GLU A 30 -15.06 6.65 -33.01
CA GLU A 30 -14.98 8.00 -32.47
C GLU A 30 -14.59 8.01 -31.01
N LEU A 31 -15.05 7.00 -30.27
CA LEU A 31 -14.85 6.93 -28.82
C LEU A 31 -13.68 6.05 -28.40
N ALA A 32 -13.07 5.37 -29.36
CA ALA A 32 -11.99 4.44 -29.05
C ALA A 32 -10.76 5.15 -28.51
N TYR A 33 -9.89 4.40 -27.84
CA TYR A 33 -8.67 4.96 -27.25
C TYR A 33 -7.77 5.62 -28.28
N GLU A 34 -7.31 6.83 -27.95
CA GLU A 34 -6.33 7.55 -28.76
C GLU A 34 -5.26 8.15 -27.85
N GLY A 35 -4.01 7.75 -28.08
CA GLY A 35 -2.91 8.20 -27.24
C GLY A 35 -2.58 9.67 -27.41
N LEU A 36 -2.57 10.14 -28.65
CA LEU A 36 -2.18 11.52 -28.95
C LEU A 36 -2.56 11.94 -30.36
N ASP A 37 -2.56 13.25 -30.59
CA ASP A 37 -2.66 13.79 -31.94
C ASP A 37 -1.32 14.39 -32.34
N PRO A 38 -0.50 13.61 -33.06
CA PRO A 38 0.85 14.00 -33.49
C PRO A 38 0.85 15.26 -34.36
N ALA A 39 -0.13 15.38 -35.25
CA ALA A 39 -0.24 16.55 -36.12
C ALA A 39 -0.41 17.81 -35.29
N LEU A 40 -1.21 17.72 -34.22
CA LEU A 40 -1.44 18.83 -33.30
C LEU A 40 -0.15 19.25 -32.61
N ILE A 41 0.61 18.26 -32.16
CA ILE A 41 1.85 18.49 -31.43
C ILE A 41 2.88 19.16 -32.33
N ILE A 42 3.08 18.58 -33.51
CA ILE A 42 4.05 19.05 -34.48
C ILE A 42 3.72 20.45 -34.98
N LYS A 43 2.44 20.66 -35.29
CA LYS A 43 1.96 21.97 -35.73
C LYS A 43 2.22 23.02 -34.65
N LYS A 44 1.92 22.67 -33.40
CA LYS A 44 2.14 23.60 -32.29
C LYS A 44 3.64 23.92 -32.11
N LEU A 45 4.47 22.88 -32.17
CA LEU A 45 5.92 23.04 -32.04
C LEU A 45 6.50 23.92 -33.13
N LYS A 46 6.16 23.63 -34.37
CA LYS A 46 6.67 24.35 -35.53
C LYS A 46 6.20 25.81 -35.54
N GLU A 47 4.93 26.02 -35.22
CA GLU A 47 4.38 27.37 -35.16
C GLU A 47 4.96 28.19 -34.01
N THR A 48 5.31 27.54 -32.91
CA THR A 48 5.85 28.24 -31.74
C THR A 48 7.34 28.52 -31.86
N GLY A 49 8.10 27.53 -32.32
CA GLY A 49 9.55 27.62 -32.35
C GLY A 49 10.10 28.18 -33.65
N GLY A 50 9.30 28.12 -34.71
CA GLY A 50 9.76 28.60 -35.99
C GLY A 50 10.81 27.65 -36.52
N ASP A 51 11.89 28.21 -37.06
CA ASP A 51 12.99 27.42 -37.59
C ASP A 51 13.77 26.68 -36.51
N ASP A 52 13.67 27.16 -35.28
CA ASP A 52 14.38 26.63 -34.12
C ASP A 52 13.78 25.31 -33.56
N TRP A 53 12.60 24.97 -34.09
CA TRP A 53 11.79 23.90 -33.54
C TRP A 53 12.45 22.53 -33.63
N VAL A 54 13.23 22.33 -34.69
CA VAL A 54 13.95 21.08 -34.90
C VAL A 54 14.95 20.80 -33.78
N LYS A 55 15.84 21.76 -33.53
CA LYS A 55 16.83 21.65 -32.47
C LYS A 55 16.15 21.43 -31.12
N ASP A 56 15.17 22.28 -30.85
CA ASP A 56 14.48 22.20 -29.57
C ASP A 56 13.84 20.84 -29.35
N THR A 57 13.15 20.37 -30.38
CA THR A 57 12.43 19.11 -30.34
C THR A 57 13.39 17.95 -30.10
N LYS A 58 14.53 17.94 -30.78
CA LYS A 58 15.49 16.87 -30.55
C LYS A 58 15.93 16.82 -29.09
N PHE A 59 16.22 18.00 -28.52
CA PHE A 59 16.61 18.03 -27.11
C PHE A 59 15.49 17.47 -26.22
N ILE A 60 14.26 17.94 -26.47
CA ILE A 60 13.09 17.47 -25.73
C ILE A 60 12.92 15.95 -25.81
N ILE A 61 13.17 15.37 -26.99
CA ILE A 61 13.02 13.94 -27.18
C ILE A 61 14.09 13.16 -26.41
N VAL A 62 15.32 13.67 -26.40
CA VAL A 62 16.36 13.03 -25.59
C VAL A 62 15.93 13.03 -24.12
N PHE A 63 15.36 14.15 -23.68
CA PHE A 63 14.85 14.22 -22.30
C PHE A 63 13.74 13.22 -22.03
N ALA A 64 12.79 13.08 -22.96
CA ALA A 64 11.70 12.12 -22.81
C ALA A 64 12.20 10.69 -22.71
N LEU A 65 13.13 10.35 -23.61
CA LEU A 65 13.72 9.02 -23.68
C LEU A 65 14.47 8.66 -22.40
N THR A 66 15.18 9.63 -21.83
CA THR A 66 16.07 9.32 -20.71
C THR A 66 15.50 9.60 -19.31
N ARG A 67 14.49 10.47 -19.22
CA ARG A 67 14.02 10.94 -17.92
C ARG A 67 12.49 10.91 -17.78
N GLY A 68 11.79 10.87 -18.91
CA GLY A 68 10.35 10.82 -18.88
C GLY A 68 9.65 12.17 -18.93
N ASN A 69 8.55 12.29 -18.20
CA ASN A 69 7.71 13.48 -18.23
C ASN A 69 7.89 14.44 -17.05
N LYS A 70 8.56 13.99 -15.99
CA LYS A 70 8.63 14.77 -14.76
C LYS A 70 9.66 15.90 -14.86
N ILE A 71 9.26 16.99 -15.51
CA ILE A 71 10.19 18.08 -15.86
C ILE A 71 10.87 18.78 -14.69
N VAL A 72 10.10 19.27 -13.72
CA VAL A 72 10.65 20.02 -12.59
C VAL A 72 11.53 19.11 -11.72
N LYS A 73 10.95 17.97 -11.33
CA LYS A 73 11.62 16.96 -10.52
C LYS A 73 12.95 16.52 -11.12
N ALA A 74 12.96 16.29 -12.43
CA ALA A 74 14.17 15.88 -13.11
C ALA A 74 15.15 17.03 -13.21
N SER A 75 14.67 18.23 -13.37
CA SER A 75 15.53 19.38 -13.45
C SER A 75 16.27 19.60 -12.16
N GLY A 76 15.68 19.09 -11.10
CA GLY A 76 16.27 18.98 -9.80
C GLY A 76 17.47 18.08 -9.69
N LYS A 77 17.51 17.04 -10.50
CA LYS A 77 18.58 16.08 -10.45
C LYS A 77 19.24 15.87 -11.80
N MET A 78 19.91 16.90 -12.28
CA MET A 78 20.61 16.87 -13.52
C MET A 78 21.64 17.96 -13.51
N SER A 79 22.51 17.98 -14.50
CA SER A 79 23.50 19.03 -14.67
C SER A 79 22.84 20.40 -14.77
N ASN A 80 23.62 21.44 -14.49
CA ASN A 80 23.12 22.82 -14.55
C ASN A 80 22.65 23.21 -15.96
N SER A 81 23.49 22.97 -16.95
CA SER A 81 23.17 23.32 -18.34
C SER A 81 21.91 22.61 -18.81
N GLY A 82 21.84 21.32 -18.52
CA GLY A 82 20.68 20.50 -18.83
C GLY A 82 19.43 21.09 -18.23
N SER A 83 19.48 21.38 -16.93
CA SER A 83 18.36 21.97 -16.20
C SER A 83 17.90 23.30 -16.80
N LYS A 84 18.87 24.17 -17.08
CA LYS A 84 18.58 25.49 -17.63
C LYS A 84 17.85 25.39 -18.96
N ARG A 85 18.42 24.61 -19.87
CA ARG A 85 17.79 24.47 -21.17
C ARG A 85 16.45 23.73 -21.13
N LEU A 86 16.34 22.77 -20.22
CA LEU A 86 15.09 22.03 -20.07
C LEU A 86 13.96 22.95 -19.63
N MET A 87 14.21 23.73 -18.58
CA MET A 87 13.22 24.68 -18.11
C MET A 87 12.91 25.72 -19.18
N ALA A 88 13.94 26.17 -19.89
CA ALA A 88 13.75 27.14 -20.97
C ALA A 88 12.81 26.60 -22.05
N LEU A 89 13.00 25.35 -22.45
CA LEU A 89 12.16 24.73 -23.46
C LEU A 89 10.73 24.46 -22.97
N GLN A 90 10.62 24.07 -21.70
CA GLN A 90 9.33 23.85 -21.06
C GLN A 90 8.53 25.14 -21.14
N GLU A 91 9.16 26.23 -20.72
CA GLU A 91 8.56 27.55 -20.72
C GLU A 91 8.19 28.01 -22.13
N LYS A 92 9.12 27.77 -23.06
CA LYS A 92 8.98 28.17 -24.46
C LYS A 92 7.82 27.51 -25.19
N TYR A 93 7.61 26.23 -24.93
CA TYR A 93 6.60 25.48 -25.68
C TYR A 93 5.36 25.15 -24.85
N GLY A 94 5.36 25.58 -23.60
CA GLY A 94 4.25 25.30 -22.70
C GLY A 94 4.11 23.82 -22.46
N LEU A 95 5.23 23.15 -22.24
CA LEU A 95 5.26 21.72 -21.98
C LEU A 95 4.63 21.43 -20.63
N VAL A 96 3.87 20.34 -20.56
CA VAL A 96 3.32 19.90 -19.28
C VAL A 96 3.80 18.50 -18.95
N GLU A 97 3.66 18.12 -17.68
CA GLU A 97 4.23 16.89 -17.18
C GLU A 97 3.22 15.76 -17.29
N ARG A 98 1.96 16.11 -17.47
CA ARG A 98 0.91 15.11 -17.56
C ARG A 98 -0.12 15.41 -18.65
N ALA A 99 -0.47 14.37 -19.38
CA ALA A 99 -1.50 14.45 -20.41
C ALA A 99 -2.89 14.27 -19.81
N GLU A 100 -3.61 15.38 -19.68
CA GLU A 100 -4.97 15.43 -19.15
C GLU A 100 -5.95 15.74 -20.26
N THR A 101 -5.43 16.33 -21.33
CA THR A 101 -6.25 16.83 -22.41
C THR A 101 -5.58 16.46 -23.73
N ARG A 102 -6.32 16.51 -24.84
CA ARG A 102 -5.79 16.21 -26.16
C ARG A 102 -4.72 17.21 -26.60
N LEU A 103 -4.74 18.38 -25.97
CA LEU A 103 -3.83 19.48 -26.29
C LEU A 103 -2.56 19.46 -25.45
N SER A 104 -2.58 18.68 -24.37
CA SER A 104 -1.43 18.62 -23.48
C SER A 104 -0.21 18.10 -24.23
N ILE A 105 0.88 18.85 -24.18
CA ILE A 105 2.11 18.46 -24.85
C ILE A 105 3.15 18.04 -23.83
N THR A 106 3.34 16.73 -23.72
CA THR A 106 4.33 16.18 -22.82
C THR A 106 5.51 15.74 -23.68
N PRO A 107 6.72 15.66 -23.07
CA PRO A 107 7.91 15.20 -23.78
C PRO A 107 7.71 13.84 -24.45
N VAL A 108 7.08 12.90 -23.74
CA VAL A 108 6.83 11.58 -24.29
C VAL A 108 5.94 11.64 -25.53
N ARG A 109 4.95 12.52 -25.49
CA ARG A 109 4.07 12.74 -26.63
C ARG A 109 4.82 13.34 -27.83
N VAL A 110 5.75 14.25 -27.54
CA VAL A 110 6.62 14.80 -28.57
C VAL A 110 7.42 13.68 -29.22
N ALA A 111 8.01 12.83 -28.40
CA ALA A 111 8.80 11.69 -28.88
C ALA A 111 7.96 10.74 -29.74
N GLN A 112 6.73 10.49 -29.30
CA GLN A 112 5.81 9.59 -30.01
C GLN A 112 5.31 10.21 -31.32
N SER A 113 5.36 11.54 -31.41
CA SER A 113 4.93 12.22 -32.62
C SER A 113 5.94 12.08 -33.76
N LEU A 114 7.20 11.82 -33.42
CA LEU A 114 8.27 11.65 -34.39
C LEU A 114 9.01 10.32 -34.17
N PRO A 115 8.33 9.20 -34.39
CA PRO A 115 8.77 7.87 -33.93
C PRO A 115 10.03 7.29 -34.58
N THR A 116 10.25 7.53 -35.87
CA THR A 116 11.45 7.01 -36.52
C THR A 116 12.72 7.66 -35.98
N TRP A 117 12.66 8.97 -35.76
CA TRP A 117 13.78 9.69 -35.17
C TRP A 117 13.96 9.28 -33.72
N THR A 118 12.86 9.31 -32.96
CA THR A 118 12.87 8.91 -31.56
C THR A 118 13.48 7.53 -31.34
N CYS A 119 13.10 6.56 -32.18
CA CYS A 119 13.59 5.20 -32.04
C CYS A 119 15.04 5.06 -32.48
N ALA A 120 15.44 5.82 -33.50
CA ALA A 120 16.83 5.82 -33.90
C ALA A 120 17.72 6.39 -32.78
N ALA A 121 17.26 7.48 -32.20
CA ALA A 121 17.95 8.13 -31.10
C ALA A 121 18.01 7.21 -29.89
N ALA A 122 16.93 6.47 -29.66
CA ALA A 122 16.88 5.54 -28.53
C ALA A 122 17.91 4.44 -28.73
N ALA A 123 18.03 3.96 -29.96
CA ALA A 123 19.02 2.93 -30.27
C ALA A 123 20.44 3.47 -30.08
N ALA A 124 20.68 4.68 -30.57
CA ALA A 124 21.99 5.31 -30.41
C ALA A 124 22.31 5.62 -28.94
N LEU A 125 21.27 5.92 -28.16
CA LEU A 125 21.47 6.28 -26.77
C LEU A 125 21.07 5.16 -25.80
N LYS A 126 21.13 3.91 -26.25
CA LYS A 126 20.72 2.75 -25.45
C LYS A 126 21.27 2.76 -24.02
N GLU A 127 22.55 3.12 -23.87
CA GLU A 127 23.19 3.07 -22.55
C GLU A 127 22.62 4.10 -21.58
N TYR A 128 21.85 5.04 -22.08
CA TYR A 128 21.30 6.11 -21.24
C TYR A 128 19.83 5.87 -20.90
N LEU A 129 19.26 4.80 -21.46
CA LEU A 129 17.86 4.49 -21.25
C LEU A 129 17.62 3.86 -19.90
N PRO A 130 16.45 4.14 -19.29
CA PRO A 130 16.05 3.56 -18.00
C PRO A 130 15.90 2.05 -18.09
N VAL A 131 15.33 1.59 -19.21
CA VAL A 131 15.24 0.16 -19.49
C VAL A 131 15.94 -0.13 -20.80
N GLY A 132 17.22 -0.51 -20.71
CA GLY A 132 18.04 -0.74 -21.89
C GLY A 132 18.65 -2.13 -21.93
N PRO A 133 19.80 -2.26 -22.61
CA PRO A 133 20.52 -3.52 -22.84
C PRO A 133 20.83 -4.28 -21.55
N ALA A 134 21.12 -3.57 -20.46
CA ALA A 134 21.39 -4.23 -19.18
C ALA A 134 20.22 -5.14 -18.77
N VAL A 135 19.02 -4.59 -18.79
CA VAL A 135 17.81 -5.34 -18.47
C VAL A 135 17.43 -6.36 -19.56
N MET A 136 17.44 -5.91 -20.82
CA MET A 136 16.94 -6.72 -21.93
C MET A 136 17.80 -7.95 -22.25
N ASN A 137 19.12 -7.78 -22.17
CA ASN A 137 20.04 -8.87 -22.45
C ASN A 137 19.83 -10.09 -21.53
N LEU A 138 19.33 -9.85 -20.32
CA LEU A 138 19.04 -10.95 -19.39
C LEU A 138 17.90 -11.84 -19.90
N LYS A 139 16.98 -11.23 -20.63
CA LYS A 139 15.79 -11.93 -21.12
C LYS A 139 16.05 -12.58 -22.47
N VAL A 140 16.93 -11.95 -23.24
CA VAL A 140 17.17 -12.34 -24.63
C VAL A 140 18.47 -11.72 -25.10
N GLU A 141 19.13 -12.36 -26.06
CA GLU A 141 20.36 -11.81 -26.59
C GLU A 141 20.01 -10.85 -27.71
N ASN A 142 20.65 -9.68 -27.70
CA ASN A 142 20.53 -8.73 -28.79
C ASN A 142 19.11 -8.23 -29.04
N TYR A 143 18.37 -7.91 -27.98
CA TYR A 143 17.05 -7.30 -28.14
C TYR A 143 17.21 -6.04 -28.95
N PRO A 144 16.38 -5.87 -29.99
CA PRO A 144 16.52 -4.70 -30.87
C PRO A 144 16.39 -3.39 -30.09
N PRO A 145 17.43 -2.55 -30.14
CA PRO A 145 17.52 -1.32 -29.34
C PRO A 145 16.46 -0.29 -29.76
N GLU A 146 16.04 -0.35 -31.02
CA GLU A 146 14.98 0.54 -31.50
C GLU A 146 13.65 0.27 -30.79
N MET A 147 13.50 -0.93 -30.25
CA MET A 147 12.30 -1.31 -29.52
C MET A 147 12.29 -0.78 -28.09
N MET A 148 13.42 -0.27 -27.63
CA MET A 148 13.55 0.13 -26.22
C MET A 148 13.02 1.53 -25.94
N CYS A 149 11.87 1.88 -26.52
CA CYS A 149 11.27 3.18 -26.27
C CYS A 149 9.76 3.18 -26.49
N MET A 150 9.11 4.22 -25.98
CA MET A 150 7.66 4.34 -26.03
C MET A 150 7.13 4.58 -27.44
N ALA A 151 8.03 4.91 -28.36
CA ALA A 151 7.64 5.31 -29.71
C ALA A 151 7.55 4.17 -30.72
N PHE A 152 8.13 3.01 -30.39
CA PHE A 152 8.23 1.92 -31.37
C PHE A 152 6.89 1.35 -31.82
N GLY A 153 5.88 1.42 -30.97
CA GLY A 153 4.55 0.92 -31.32
C GLY A 153 4.03 1.55 -32.61
N SER A 154 4.33 2.84 -32.79
CA SER A 154 3.91 3.58 -33.96
C SER A 154 4.57 3.09 -35.25
N LEU A 155 5.66 2.33 -35.11
CA LEU A 155 6.44 1.87 -36.26
C LEU A 155 6.09 0.44 -36.68
N ILE A 156 5.16 -0.19 -35.96
CA ILE A 156 4.71 -1.52 -36.31
C ILE A 156 3.63 -1.41 -37.37
N PRO A 157 3.88 -2.00 -38.55
CA PRO A 157 2.96 -1.87 -39.69
C PRO A 157 1.77 -2.82 -39.65
N THR A 158 0.62 -2.35 -40.13
CA THR A 158 -0.58 -3.17 -40.23
C THR A 158 -0.84 -3.49 -41.68
N ALA A 159 0.07 -3.03 -42.53
CA ALA A 159 -0.08 -3.12 -43.98
C ALA A 159 1.30 -3.17 -44.62
N GLY A 160 1.44 -4.00 -45.65
CA GLY A 160 2.73 -4.20 -46.29
C GLY A 160 3.43 -5.39 -45.64
N VAL A 161 2.80 -5.95 -44.62
CA VAL A 161 3.30 -7.17 -43.98
C VAL A 161 2.16 -8.13 -43.63
N SER A 162 2.51 -9.37 -43.36
CA SER A 162 1.54 -10.38 -42.94
C SER A 162 1.01 -10.03 -41.55
N GLU A 163 -0.18 -10.52 -41.24
CA GLU A 163 -0.80 -10.31 -39.94
C GLU A 163 0.01 -11.00 -38.85
N ALA A 164 0.72 -12.05 -39.26
CA ALA A 164 1.58 -12.81 -38.37
C ALA A 164 2.82 -12.00 -38.00
N THR A 165 3.37 -11.30 -39.00
CA THR A 165 4.50 -10.40 -38.77
C THR A 165 4.12 -9.33 -37.74
N THR A 166 2.97 -8.70 -37.96
CA THR A 166 2.47 -7.66 -37.05
C THR A 166 2.35 -8.22 -35.64
N LYS A 167 1.76 -9.40 -35.52
CA LYS A 167 1.58 -10.04 -34.21
C LYS A 167 2.92 -10.28 -33.52
N THR A 168 3.86 -10.82 -34.28
CA THR A 168 5.21 -11.12 -33.78
C THR A 168 5.92 -9.87 -33.26
N LEU A 169 5.95 -8.83 -34.10
CA LEU A 169 6.52 -7.55 -33.70
C LEU A 169 5.89 -7.02 -32.42
N MET A 170 4.56 -7.12 -32.35
CA MET A 170 3.84 -6.65 -31.17
C MET A 170 4.19 -7.42 -29.89
N GLU A 171 4.48 -8.71 -30.03
CA GLU A 171 4.86 -9.51 -28.86
C GLU A 171 6.29 -9.21 -28.41
N ALA A 172 7.19 -9.11 -29.40
CA ALA A 172 8.58 -8.75 -29.14
C ALA A 172 8.65 -7.41 -28.43
N TYR A 173 7.89 -6.44 -28.93
CA TYR A 173 7.81 -5.13 -28.31
C TYR A 173 7.17 -5.20 -26.93
N SER A 174 6.20 -6.10 -26.78
CA SER A 174 5.53 -6.29 -25.50
C SER A 174 6.50 -6.76 -24.42
N LEU A 175 7.58 -7.43 -24.82
CA LEU A 175 8.61 -7.78 -23.84
C LEU A 175 9.17 -6.51 -23.17
N TRP A 176 9.55 -5.54 -23.99
CA TRP A 176 10.05 -4.26 -23.48
C TRP A 176 8.97 -3.48 -22.74
N GLN A 177 7.76 -3.44 -23.29
CA GLN A 177 6.66 -2.71 -22.62
C GLN A 177 6.41 -3.27 -21.22
N ASP A 178 6.45 -4.59 -21.11
CA ASP A 178 6.31 -5.30 -19.84
C ASP A 178 7.40 -4.89 -18.85
N ALA A 179 8.65 -5.05 -19.28
CA ALA A 179 9.76 -4.70 -18.39
C ALA A 179 9.71 -3.23 -17.95
N PHE A 180 9.45 -2.35 -18.90
CA PHE A 180 9.40 -0.90 -18.67
C PHE A 180 8.33 -0.54 -17.66
N THR A 181 7.11 -1.04 -17.93
CA THR A 181 5.98 -0.81 -17.04
C THR A 181 6.31 -1.26 -15.64
N LYS A 182 6.91 -2.44 -15.52
CA LYS A 182 7.32 -2.93 -14.20
C LYS A 182 8.37 -2.05 -13.50
N THR A 183 9.35 -1.51 -14.24
CA THR A 183 10.37 -0.69 -13.59
C THR A 183 9.92 0.73 -13.24
N ILE A 184 8.90 1.26 -13.92
CA ILE A 184 8.49 2.63 -13.60
C ILE A 184 7.16 2.76 -12.86
N ASN A 185 6.27 1.80 -13.05
CA ASN A 185 5.01 1.87 -12.38
C ASN A 185 5.08 1.08 -11.10
N VAL A 186 5.02 1.79 -9.99
CA VAL A 186 5.36 1.27 -8.68
C VAL A 186 4.44 0.14 -8.30
N LYS A 187 3.19 0.27 -8.70
CA LYS A 187 2.15 -0.67 -8.37
C LYS A 187 2.40 -2.08 -8.90
N MET A 188 2.97 -2.20 -10.09
CA MET A 188 2.94 -3.46 -10.84
C MET A 188 4.05 -4.50 -10.69
N ARG A 189 4.80 -4.54 -9.60
CA ARG A 189 5.92 -5.48 -9.61
C ARG A 189 5.44 -6.82 -9.05
N GLY A 190 4.34 -6.78 -8.32
CA GLY A 190 3.70 -7.99 -7.85
C GLY A 190 2.48 -8.28 -8.70
N ALA A 191 2.52 -7.86 -9.96
CA ALA A 191 1.39 -7.95 -10.87
C ALA A 191 1.67 -8.93 -12.00
N SER A 192 0.71 -9.82 -12.26
CA SER A 192 0.87 -10.88 -13.25
C SER A 192 1.08 -10.32 -14.65
N LYS A 193 1.55 -11.19 -15.55
CA LYS A 193 1.77 -10.84 -16.95
C LYS A 193 0.55 -10.19 -17.60
N THR A 194 -0.61 -10.78 -17.39
CA THR A 194 -1.85 -10.28 -18.00
C THR A 194 -2.25 -8.93 -17.43
N GLU A 195 -2.04 -8.75 -16.12
CA GLU A 195 -2.36 -7.50 -15.45
C GLU A 195 -1.53 -6.33 -15.98
N VAL A 196 -0.22 -6.54 -16.16
CA VAL A 196 0.63 -5.49 -16.72
C VAL A 196 0.37 -5.30 -18.21
N TYR A 197 0.02 -6.38 -18.92
CA TYR A 197 -0.36 -6.30 -20.33
C TYR A 197 -1.54 -5.39 -20.53
N ASN A 198 -2.54 -5.52 -19.66
CA ASN A 198 -3.75 -4.72 -19.76
C ASN A 198 -3.47 -3.25 -19.47
N SER A 199 -2.38 -2.98 -18.77
CA SER A 199 -1.99 -1.61 -18.49
C SER A 199 -1.46 -0.87 -19.72
N PHE A 200 -1.03 -1.59 -20.76
CA PHE A 200 -0.48 -0.94 -21.95
C PHE A 200 -1.10 -1.43 -23.25
N ARG A 201 -2.14 -2.25 -23.12
CA ARG A 201 -2.78 -2.87 -24.28
C ARG A 201 -3.34 -1.84 -25.24
N ASP A 202 -4.13 -0.93 -24.69
CA ASP A 202 -4.85 0.07 -25.48
C ASP A 202 -3.92 1.07 -26.17
N PRO A 203 -2.97 1.67 -25.43
CA PRO A 203 -2.02 2.55 -26.11
C PRO A 203 -1.26 1.85 -27.22
N LEU A 204 -0.93 0.58 -27.02
CA LEU A 204 -0.18 -0.15 -28.03
C LEU A 204 -0.99 -0.36 -29.30
N HIS A 205 -2.21 -0.90 -29.16
CA HIS A 205 -3.04 -1.11 -30.35
C HIS A 205 -3.41 0.25 -31.02
N ALA A 206 -3.61 1.31 -30.24
CA ALA A 206 -3.88 2.63 -30.79
C ALA A 206 -2.68 3.06 -31.63
N ALA A 207 -1.48 2.86 -31.09
CA ALA A 207 -0.24 3.20 -31.78
C ALA A 207 -0.08 2.41 -33.09
N VAL A 208 -0.39 1.11 -33.06
CA VAL A 208 -0.19 0.25 -34.22
C VAL A 208 -1.20 0.60 -35.34
N ASN A 209 -2.46 0.74 -34.96
CA ASN A 209 -3.54 1.00 -35.91
C ASN A 209 -3.68 2.46 -36.35
N SER A 210 -2.96 3.36 -35.67
CA SER A 210 -2.99 4.78 -36.01
C SER A 210 -2.62 4.98 -37.49
N VAL A 211 -3.22 6.00 -38.10
CA VAL A 211 -3.03 6.25 -39.52
C VAL A 211 -2.15 7.46 -39.79
N PHE A 212 -1.74 8.15 -38.74
CA PHE A 212 -0.88 9.32 -38.91
C PHE A 212 0.44 9.00 -39.59
N PHE A 213 1.13 7.98 -39.10
CA PHE A 213 2.43 7.62 -39.65
C PHE A 213 2.28 6.47 -40.65
N PRO A 214 2.61 6.75 -41.92
CA PRO A 214 2.35 5.89 -43.08
C PRO A 214 3.01 4.51 -42.94
N ASN A 215 2.26 3.46 -43.27
CA ASN A 215 2.74 2.07 -43.17
C ASN A 215 3.96 1.73 -44.03
N ASP A 216 3.97 2.21 -45.28
CA ASP A 216 5.07 1.88 -46.19
C ASP A 216 6.40 2.40 -45.66
N VAL A 217 6.36 3.57 -45.02
CA VAL A 217 7.56 4.14 -44.40
C VAL A 217 7.99 3.29 -43.21
N ARG A 218 7.01 2.83 -42.43
CA ARG A 218 7.28 1.93 -41.30
C ARG A 218 8.04 0.69 -41.78
N VAL A 219 7.48 0.03 -42.79
CA VAL A 219 8.06 -1.19 -43.34
C VAL A 219 9.48 -0.94 -43.86
N LYS A 220 9.64 0.12 -44.65
CA LYS A 220 10.94 0.47 -45.22
C LYS A 220 11.98 0.71 -44.11
N TRP A 221 11.56 1.41 -43.07
CA TRP A 221 12.42 1.78 -41.96
C TRP A 221 12.84 0.54 -41.17
N LEU A 222 11.87 -0.33 -40.89
CA LEU A 222 12.14 -1.60 -40.21
C LEU A 222 13.09 -2.48 -40.99
N LYS A 223 13.00 -2.43 -42.32
CA LYS A 223 13.91 -3.17 -43.18
C LYS A 223 15.31 -2.60 -43.07
N ALA A 224 15.41 -1.27 -43.12
CA ALA A 224 16.69 -0.59 -43.01
C ALA A 224 17.43 -0.90 -41.70
N LYS A 225 16.68 -1.10 -40.62
CA LYS A 225 17.28 -1.36 -39.31
C LYS A 225 17.47 -2.85 -39.05
N GLY A 226 17.11 -3.68 -40.03
CA GLY A 226 17.27 -5.12 -39.91
C GLY A 226 16.33 -5.78 -38.92
N ILE A 227 15.26 -5.08 -38.54
CA ILE A 227 14.23 -5.67 -37.69
C ILE A 227 13.32 -6.52 -38.58
N LEU A 228 13.14 -6.07 -39.82
CA LEU A 228 12.56 -6.91 -40.85
C LEU A 228 13.62 -7.27 -41.87
N GLY A 229 13.58 -8.51 -42.35
CA GLY A 229 14.46 -8.93 -43.42
C GLY A 229 13.96 -8.31 -44.72
N PRO A 230 14.73 -8.48 -45.81
CA PRO A 230 14.36 -8.01 -47.15
C PRO A 230 13.10 -8.72 -47.65
N ASP A 231 12.72 -9.79 -46.96
CA ASP A 231 11.58 -10.61 -47.32
C ASP A 231 10.31 -10.10 -46.65
N GLY A 232 10.47 -9.26 -45.64
CA GLY A 232 9.34 -8.63 -44.99
C GLY A 232 8.88 -9.37 -43.75
N VAL A 233 9.70 -10.30 -43.29
CA VAL A 233 9.38 -11.06 -42.07
C VAL A 233 10.39 -10.73 -40.98
N PRO A 234 9.94 -10.79 -39.71
CA PRO A 234 10.79 -10.42 -38.57
C PRO A 234 12.13 -11.16 -38.49
N SER A 235 13.16 -10.44 -38.07
CA SER A 235 14.49 -11.01 -37.86
C SER A 235 14.46 -12.03 -36.72
N ARG A 236 15.54 -12.78 -36.58
CA ARG A 236 15.64 -13.77 -35.52
C ARG A 236 15.55 -13.17 -34.12
N ALA A 237 16.15 -12.00 -33.90
CA ALA A 237 16.08 -11.35 -32.59
C ALA A 237 14.64 -11.01 -32.21
N ALA A 238 13.89 -10.52 -33.18
CA ALA A 238 12.48 -10.19 -32.98
C ALA A 238 11.68 -11.45 -32.67
N GLU A 239 11.91 -12.50 -33.45
CA GLU A 239 11.25 -13.79 -33.24
C GLU A 239 11.51 -14.38 -31.86
N VAL A 240 12.78 -14.37 -31.45
CA VAL A 240 13.18 -14.87 -30.14
C VAL A 240 12.57 -14.04 -29.02
N ALA A 241 12.55 -12.72 -29.20
CA ALA A 241 11.94 -11.82 -28.22
C ALA A 241 10.45 -12.11 -28.09
N ALA A 242 9.80 -12.32 -29.23
CA ALA A 242 8.38 -12.69 -29.27
C ALA A 242 8.13 -13.97 -28.49
N ALA A 243 8.93 -14.99 -28.79
CA ALA A 243 8.84 -16.26 -28.08
C ALA A 243 9.02 -16.06 -26.58
N ALA A 244 9.97 -15.20 -26.22
CA ALA A 244 10.25 -14.89 -24.82
C ALA A 244 9.07 -14.22 -24.15
N TYR A 245 8.33 -13.41 -24.91
CA TYR A 245 7.16 -12.76 -24.33
C TYR A 245 6.01 -13.75 -24.17
N ARG A 246 5.79 -14.59 -25.18
CA ARG A 246 4.76 -15.61 -25.08
C ARG A 246 5.03 -16.56 -23.91
N ASN A 247 6.29 -16.93 -23.75
CA ASN A 247 6.69 -17.83 -22.68
C ASN A 247 6.66 -17.20 -21.28
N LEU A 248 6.45 -15.88 -21.26
CA LEU A 248 6.18 -15.02 -20.06
C LEU A 248 7.22 -13.92 -19.91
N SER B 5 -27.52 -3.42 36.35
CA SER B 5 -28.49 -4.50 36.20
C SER B 5 -29.90 -3.96 35.92
N GLU B 6 -29.96 -2.82 35.25
CA GLU B 6 -31.25 -2.23 34.87
C GLU B 6 -31.33 -2.20 33.34
N TRP B 7 -30.21 -1.84 32.73
CA TRP B 7 -29.99 -1.86 31.29
C TRP B 7 -29.84 -3.26 30.72
N SER B 8 -29.27 -4.14 31.55
CA SER B 8 -29.10 -5.55 31.19
C SER B 8 -30.47 -6.20 31.04
N ARG B 9 -31.40 -5.84 31.92
CA ARG B 9 -32.75 -6.39 31.89
C ARG B 9 -33.43 -5.99 30.59
N ILE B 10 -33.28 -4.73 30.21
CA ILE B 10 -33.80 -4.22 28.95
C ILE B 10 -33.17 -4.96 27.77
N ALA B 11 -31.86 -5.19 27.83
CA ALA B 11 -31.14 -5.89 26.77
C ALA B 11 -31.67 -7.30 26.57
N VAL B 12 -31.88 -8.03 27.66
CA VAL B 12 -32.41 -9.39 27.59
C VAL B 12 -33.84 -9.39 27.05
N GLU B 13 -34.66 -8.48 27.58
CA GLU B 13 -36.06 -8.40 27.20
C GLU B 13 -36.23 -8.08 25.73
N PHE B 14 -35.37 -7.19 25.23
CA PHE B 14 -35.36 -6.85 23.81
C PHE B 14 -35.14 -8.10 22.98
N GLY B 15 -34.20 -8.95 23.41
CA GLY B 15 -33.90 -10.18 22.71
C GLY B 15 -34.95 -11.25 22.94
N GLU B 16 -35.89 -10.97 23.83
CA GLU B 16 -36.99 -11.88 24.07
C GLU B 16 -38.21 -11.61 23.19
N GLN B 17 -38.12 -10.58 22.35
CA GLN B 17 -39.20 -10.25 21.43
C GLN B 17 -39.33 -11.25 20.30
N GLN B 18 -40.57 -11.35 19.80
CA GLN B 18 -40.91 -12.13 18.62
C GLN B 18 -40.41 -11.45 17.35
N LEU B 19 -39.87 -12.24 16.43
CA LEU B 19 -39.50 -11.70 15.12
C LEU B 19 -40.73 -11.62 14.22
N ASN B 20 -40.94 -10.44 13.62
CA ASN B 20 -41.95 -10.31 12.59
C ASN B 20 -41.25 -10.54 11.27
N LEU B 21 -41.28 -11.79 10.80
CA LEU B 21 -40.53 -12.21 9.62
C LEU B 21 -40.84 -11.33 8.42
N THR B 22 -42.11 -10.97 8.25
CA THR B 22 -42.51 -10.14 7.11
C THR B 22 -41.99 -8.71 7.16
N GLU B 23 -42.14 -8.03 8.30
CA GLU B 23 -41.59 -6.69 8.43
C GLU B 23 -40.05 -6.74 8.38
N LEU B 24 -39.47 -7.82 8.89
CA LEU B 24 -38.01 -7.98 8.85
C LEU B 24 -37.51 -8.07 7.41
N GLU B 25 -38.15 -8.95 6.64
CA GLU B 25 -37.83 -9.13 5.23
C GLU B 25 -38.02 -7.83 4.47
N ASP B 26 -39.09 -7.11 4.82
CA ASP B 26 -39.36 -5.79 4.25
C ASP B 26 -38.21 -4.81 4.50
N PHE B 27 -37.75 -4.76 5.76
CA PHE B 27 -36.62 -3.90 6.12
C PHE B 27 -35.38 -4.28 5.30
N ALA B 28 -35.12 -5.58 5.20
CA ALA B 28 -33.96 -6.09 4.48
C ALA B 28 -33.98 -5.69 3.00
N ARG B 29 -35.13 -5.85 2.36
CA ARG B 29 -35.27 -5.45 0.97
C ARG B 29 -35.10 -3.94 0.80
N GLU B 30 -35.70 -3.18 1.72
CA GLU B 30 -35.58 -1.72 1.72
C GLU B 30 -34.13 -1.26 1.82
N LEU B 31 -33.33 -2.00 2.59
CA LEU B 31 -31.97 -1.58 2.90
C LEU B 31 -30.93 -2.23 2.00
N ALA B 32 -31.36 -3.20 1.20
CA ALA B 32 -30.44 -3.95 0.35
C ALA B 32 -29.85 -3.11 -0.78
N TYR B 33 -28.75 -3.59 -1.35
CA TYR B 33 -28.10 -2.93 -2.48
C TYR B 33 -29.00 -2.79 -3.69
N GLU B 34 -29.05 -1.59 -4.25
CA GLU B 34 -29.75 -1.37 -5.50
C GLU B 34 -28.88 -0.49 -6.40
N GLY B 35 -28.58 -1.00 -7.58
CA GLY B 35 -27.68 -0.32 -8.50
C GLY B 35 -28.18 0.99 -9.06
N LEU B 36 -29.45 1.03 -9.43
CA LEU B 36 -30.00 2.22 -10.09
C LEU B 36 -31.52 2.27 -10.11
N ASP B 37 -32.05 3.46 -10.36
CA ASP B 37 -33.47 3.61 -10.66
C ASP B 37 -33.55 3.94 -12.15
N PRO B 38 -33.79 2.91 -12.97
CA PRO B 38 -33.85 3.06 -14.43
C PRO B 38 -34.90 4.05 -14.88
N ALA B 39 -36.06 4.06 -14.19
CA ALA B 39 -37.14 4.97 -14.52
C ALA B 39 -36.73 6.44 -14.38
N LEU B 40 -36.02 6.75 -13.30
CA LEU B 40 -35.53 8.12 -13.08
C LEU B 40 -34.53 8.53 -14.15
N ILE B 41 -33.65 7.60 -14.52
CA ILE B 41 -32.62 7.84 -15.52
C ILE B 41 -33.27 8.13 -16.87
N ILE B 42 -34.18 7.26 -17.27
CA ILE B 42 -34.88 7.35 -18.56
C ILE B 42 -35.74 8.62 -18.63
N LYS B 43 -36.46 8.90 -17.55
CA LYS B 43 -37.28 10.10 -17.44
C LYS B 43 -36.43 11.36 -17.59
N LYS B 44 -35.29 11.39 -16.90
CA LYS B 44 -34.39 12.54 -17.00
C LYS B 44 -33.84 12.70 -18.41
N LEU B 45 -33.42 11.60 -19.02
CA LEU B 45 -32.88 11.60 -20.38
C LEU B 45 -33.91 12.10 -21.39
N LYS B 46 -35.10 11.51 -21.34
CA LYS B 46 -36.18 11.81 -22.27
C LYS B 46 -36.70 13.25 -22.13
N GLU B 47 -36.90 13.68 -20.89
CA GLU B 47 -37.36 15.04 -20.62
C GLU B 47 -36.32 16.11 -20.96
N THR B 48 -35.04 15.78 -20.78
CA THR B 48 -33.99 16.75 -21.05
C THR B 48 -33.66 16.84 -22.54
N GLY B 49 -33.61 15.68 -23.18
CA GLY B 49 -33.16 15.61 -24.56
C GLY B 49 -34.27 15.75 -25.60
N GLY B 50 -35.52 15.50 -25.22
CA GLY B 50 -36.60 15.61 -26.17
C GLY B 50 -36.55 14.52 -27.23
N ASP B 51 -36.77 14.89 -28.49
CA ASP B 51 -36.76 13.95 -29.61
C ASP B 51 -35.39 13.39 -29.79
N ASP B 52 -34.44 14.17 -29.28
CA ASP B 52 -33.01 13.89 -29.37
C ASP B 52 -32.44 12.84 -28.42
N TRP B 53 -33.27 12.45 -27.45
CA TRP B 53 -32.83 11.64 -26.32
C TRP B 53 -32.33 10.27 -26.75
N VAL B 54 -32.94 9.72 -27.79
CA VAL B 54 -32.55 8.41 -28.33
C VAL B 54 -31.10 8.41 -28.88
N LYS B 55 -30.79 9.38 -29.74
CA LYS B 55 -29.46 9.59 -30.33
C LYS B 55 -28.45 9.71 -29.18
N ASP B 56 -28.77 10.60 -28.24
CA ASP B 56 -27.87 10.81 -27.12
C ASP B 56 -27.58 9.56 -26.29
N THR B 57 -28.66 8.89 -25.93
CA THR B 57 -28.60 7.72 -25.07
C THR B 57 -27.77 6.63 -25.73
N LYS B 58 -27.97 6.42 -27.02
CA LYS B 58 -27.17 5.43 -27.74
C LYS B 58 -25.68 5.76 -27.73
N PHE B 59 -25.36 7.02 -28.01
CA PHE B 59 -23.96 7.42 -27.99
C PHE B 59 -23.34 7.21 -26.60
N ILE B 60 -24.07 7.66 -25.58
CA ILE B 60 -23.67 7.50 -24.18
C ILE B 60 -23.43 6.02 -23.83
N ILE B 61 -24.30 5.15 -24.32
CA ILE B 61 -24.20 3.71 -24.05
C ILE B 61 -22.98 3.10 -24.74
N VAL B 62 -22.71 3.53 -25.97
CA VAL B 62 -21.50 3.08 -26.66
C VAL B 62 -20.27 3.48 -25.85
N PHE B 63 -20.28 4.71 -25.32
CA PHE B 63 -19.21 5.16 -24.45
C PHE B 63 -19.06 4.32 -23.19
N ALA B 64 -20.19 3.99 -22.56
CA ALA B 64 -20.18 3.17 -21.35
C ALA B 64 -19.59 1.78 -21.63
N LEU B 65 -20.04 1.17 -22.72
CA LEU B 65 -19.56 -0.15 -23.12
C LEU B 65 -18.08 -0.19 -23.44
N THR B 66 -17.58 0.86 -24.10
CA THR B 66 -16.20 0.81 -24.61
C THR B 66 -15.16 1.48 -23.71
N ARG B 67 -15.59 2.39 -22.84
CA ARG B 67 -14.64 3.20 -22.06
C ARG B 67 -15.01 3.27 -20.59
N GLY B 68 -16.26 2.95 -20.25
CA GLY B 68 -16.69 2.97 -18.87
C GLY B 68 -17.29 4.30 -18.43
N ASN B 69 -17.05 4.65 -17.18
CA ASN B 69 -17.54 5.86 -16.58
C ASN B 69 -16.64 7.09 -16.56
N LYS B 70 -15.36 6.96 -16.86
CA LYS B 70 -14.43 8.04 -16.62
C LYS B 70 -14.36 9.06 -17.75
N ILE B 71 -15.32 9.95 -17.78
CA ILE B 71 -15.54 10.84 -18.88
C ILE B 71 -14.40 11.80 -19.13
N VAL B 72 -13.91 12.45 -18.10
CA VAL B 72 -12.88 13.44 -18.28
C VAL B 72 -11.56 12.86 -18.71
N LYS B 73 -11.13 11.81 -18.05
CA LYS B 73 -9.90 11.11 -18.43
C LYS B 73 -9.97 10.50 -19.84
N ALA B 74 -11.11 9.91 -20.19
CA ALA B 74 -11.27 9.29 -21.50
C ALA B 74 -11.37 10.32 -22.62
N SER B 75 -11.97 11.46 -22.31
CA SER B 75 -12.12 12.54 -23.30
C SER B 75 -10.77 13.10 -23.75
N GLY B 76 -9.79 13.00 -22.86
CA GLY B 76 -8.43 13.38 -23.21
C GLY B 76 -7.74 12.32 -24.01
N LYS B 77 -8.38 11.17 -24.18
CA LYS B 77 -7.77 10.02 -24.82
C LYS B 77 -8.67 9.41 -25.89
N MET B 78 -9.20 10.25 -26.77
CA MET B 78 -10.02 9.79 -27.88
C MET B 78 -9.96 10.79 -29.02
N SER B 79 -10.66 10.49 -30.11
CA SER B 79 -10.76 11.42 -31.23
C SER B 79 -11.37 12.74 -30.80
N ASN B 80 -11.12 13.79 -31.58
CA ASN B 80 -11.65 15.11 -31.29
C ASN B 80 -13.18 15.17 -31.32
N SER B 81 -13.80 14.60 -32.36
CA SER B 81 -15.25 14.59 -32.49
C SER B 81 -15.94 13.90 -31.31
N GLY B 82 -15.44 12.70 -31.00
CA GLY B 82 -15.91 11.91 -29.90
C GLY B 82 -15.85 12.69 -28.61
N SER B 83 -14.69 13.28 -28.35
CA SER B 83 -14.48 14.07 -27.15
C SER B 83 -15.52 15.19 -27.09
N LYS B 84 -15.73 15.87 -28.21
CA LYS B 84 -16.66 16.99 -28.25
C LYS B 84 -18.11 16.63 -27.95
N ARG B 85 -18.67 15.64 -28.65
CA ARG B 85 -20.07 15.32 -28.34
C ARG B 85 -20.17 14.70 -26.96
N LEU B 86 -19.14 13.99 -26.53
CA LEU B 86 -19.14 13.42 -25.18
C LEU B 86 -19.22 14.52 -24.12
N MET B 87 -18.37 15.54 -24.23
CA MET B 87 -18.42 16.67 -23.31
C MET B 87 -19.75 17.40 -23.37
N ALA B 88 -20.25 17.59 -24.59
CA ALA B 88 -21.54 18.25 -24.82
C ALA B 88 -22.69 17.53 -24.12
N LEU B 89 -22.70 16.20 -24.26
CA LEU B 89 -23.72 15.35 -23.66
C LEU B 89 -23.59 15.34 -22.16
N GLN B 90 -22.33 15.38 -21.72
CA GLN B 90 -22.00 15.43 -20.31
C GLN B 90 -22.68 16.64 -19.70
N GLU B 91 -22.46 17.80 -20.29
CA GLU B 91 -23.07 19.02 -19.79
C GLU B 91 -24.60 19.01 -19.93
N LYS B 92 -25.08 18.50 -21.07
CA LYS B 92 -26.50 18.47 -21.39
C LYS B 92 -27.31 17.64 -20.39
N TYR B 93 -26.77 16.50 -19.96
CA TYR B 93 -27.52 15.59 -19.10
C TYR B 93 -27.02 15.56 -17.66
N GLY B 94 -25.97 16.33 -17.37
CA GLY B 94 -25.37 16.34 -16.06
C GLY B 94 -24.80 14.99 -15.69
N LEU B 95 -24.10 14.37 -16.63
CA LEU B 95 -23.50 13.05 -16.41
C LEU B 95 -22.35 13.13 -15.42
N VAL B 96 -22.26 12.15 -14.52
CA VAL B 96 -21.14 12.08 -13.58
C VAL B 96 -20.40 10.74 -13.71
N GLU B 97 -19.20 10.69 -13.13
CA GLU B 97 -18.31 9.55 -13.32
C GLU B 97 -18.48 8.52 -12.21
N ARG B 98 -19.07 8.94 -11.10
CA ARG B 98 -19.32 8.06 -9.97
C ARG B 98 -20.72 8.24 -9.40
N ALA B 99 -21.35 7.10 -9.13
CA ALA B 99 -22.68 7.04 -8.56
C ALA B 99 -22.61 7.19 -7.05
N GLU B 100 -23.06 8.34 -6.54
CA GLU B 100 -23.01 8.60 -5.11
C GLU B 100 -24.43 8.59 -4.55
N THR B 101 -25.39 8.83 -5.43
CA THR B 101 -26.79 8.96 -5.06
C THR B 101 -27.66 8.28 -6.10
N ARG B 102 -28.93 8.09 -5.78
CA ARG B 102 -29.90 7.52 -6.71
C ARG B 102 -30.10 8.45 -7.90
N LEU B 103 -29.72 9.71 -7.74
CA LEU B 103 -29.88 10.71 -8.80
C LEU B 103 -28.65 10.77 -9.69
N SER B 104 -27.54 10.17 -9.24
CA SER B 104 -26.31 10.20 -10.02
C SER B 104 -26.54 9.47 -11.35
N ILE B 105 -26.24 10.15 -12.46
CA ILE B 105 -26.40 9.53 -13.77
C ILE B 105 -25.04 9.29 -14.39
N THR B 106 -24.63 8.03 -14.38
CA THR B 106 -23.37 7.62 -14.99
C THR B 106 -23.71 6.94 -16.30
N PRO B 107 -22.77 6.93 -17.25
CA PRO B 107 -22.96 6.24 -18.53
C PRO B 107 -23.32 4.77 -18.35
N VAL B 108 -22.68 4.09 -17.40
CA VAL B 108 -22.95 2.68 -17.14
C VAL B 108 -24.39 2.48 -16.66
N ARG B 109 -24.87 3.40 -15.84
CA ARG B 109 -26.26 3.34 -15.36
C ARG B 109 -27.25 3.54 -16.50
N VAL B 110 -26.91 4.43 -17.43
CA VAL B 110 -27.70 4.63 -18.63
C VAL B 110 -27.77 3.32 -19.42
N ALA B 111 -26.62 2.69 -19.59
CA ALA B 111 -26.54 1.41 -20.31
C ALA B 111 -27.38 0.33 -19.65
N GLN B 112 -27.33 0.27 -18.32
CA GLN B 112 -28.08 -0.71 -17.56
C GLN B 112 -29.59 -0.42 -17.53
N SER B 113 -29.97 0.83 -17.78
CA SER B 113 -31.38 1.21 -17.82
C SER B 113 -32.06 0.71 -19.10
N LEU B 114 -31.28 0.46 -20.14
CA LEU B 114 -31.81 -0.05 -21.41
C LEU B 114 -31.08 -1.34 -21.81
N PRO B 115 -31.28 -2.43 -21.03
CA PRO B 115 -30.42 -3.62 -21.12
C PRO B 115 -30.53 -4.41 -22.43
N THR B 116 -31.73 -4.54 -23.00
CA THR B 116 -31.90 -5.27 -24.25
C THR B 116 -31.18 -4.59 -25.41
N TRP B 117 -31.21 -3.26 -25.44
CA TRP B 117 -30.47 -2.52 -26.46
C TRP B 117 -28.96 -2.62 -26.22
N THR B 118 -28.55 -2.28 -24.99
CA THR B 118 -27.14 -2.32 -24.59
C THR B 118 -26.47 -3.67 -24.91
N CYS B 119 -27.17 -4.76 -24.61
CA CYS B 119 -26.63 -6.10 -24.84
C CYS B 119 -26.57 -6.42 -26.33
N ALA B 120 -27.54 -5.90 -27.08
CA ALA B 120 -27.54 -6.04 -28.53
C ALA B 120 -26.36 -5.28 -29.14
N ALA B 121 -26.16 -4.05 -28.68
CA ALA B 121 -25.06 -3.21 -29.15
C ALA B 121 -23.69 -3.80 -28.77
N ALA B 122 -23.61 -4.38 -27.58
CA ALA B 122 -22.37 -4.98 -27.10
C ALA B 122 -21.95 -6.15 -27.99
N ALA B 123 -22.93 -6.94 -28.41
CA ALA B 123 -22.67 -8.08 -29.29
C ALA B 123 -22.20 -7.59 -30.67
N ALA B 124 -22.85 -6.55 -31.17
CA ALA B 124 -22.48 -5.95 -32.46
C ALA B 124 -21.10 -5.29 -32.41
N LEU B 125 -20.74 -4.75 -31.25
CA LEU B 125 -19.47 -4.05 -31.07
C LEU B 125 -18.45 -4.92 -30.36
N LYS B 126 -18.52 -6.23 -30.60
CA LYS B 126 -17.66 -7.22 -29.97
C LYS B 126 -16.18 -6.84 -29.90
N GLU B 127 -15.63 -6.35 -31.01
CA GLU B 127 -14.19 -6.06 -31.07
C GLU B 127 -13.76 -4.83 -30.27
N TYR B 128 -14.72 -4.02 -29.81
CA TYR B 128 -14.39 -2.79 -29.12
C TYR B 128 -14.55 -2.89 -27.60
N LEU B 129 -15.02 -4.03 -27.12
CA LEU B 129 -15.24 -4.21 -25.69
C LEU B 129 -13.91 -4.47 -24.99
N PRO B 130 -13.77 -3.97 -23.76
CA PRO B 130 -12.56 -4.16 -22.95
C PRO B 130 -12.33 -5.64 -22.65
N VAL B 131 -13.40 -6.37 -22.35
CA VAL B 131 -13.32 -7.81 -22.18
C VAL B 131 -14.26 -8.48 -23.18
N GLY B 132 -13.72 -8.85 -24.33
CA GLY B 132 -14.52 -9.42 -25.40
C GLY B 132 -14.03 -10.79 -25.81
N PRO B 133 -14.28 -11.17 -27.07
CA PRO B 133 -13.99 -12.49 -27.64
C PRO B 133 -12.53 -12.91 -27.49
N ALA B 134 -11.60 -11.96 -27.57
CA ALA B 134 -10.18 -12.25 -27.39
C ALA B 134 -9.92 -12.92 -26.04
N VAL B 135 -10.46 -12.32 -24.99
CA VAL B 135 -10.34 -12.84 -23.63
C VAL B 135 -11.15 -14.13 -23.44
N MET B 136 -12.40 -14.11 -23.91
CA MET B 136 -13.35 -15.21 -23.65
C MET B 136 -13.06 -16.53 -24.37
N ASN B 137 -12.61 -16.45 -25.63
CA ASN B 137 -12.30 -17.65 -26.39
C ASN B 137 -11.25 -18.53 -25.70
N LEU B 138 -10.39 -17.91 -24.92
CA LEU B 138 -9.37 -18.64 -24.16
C LEU B 138 -9.98 -19.51 -23.07
N LYS B 139 -11.13 -19.09 -22.53
CA LYS B 139 -11.77 -19.82 -21.45
C LYS B 139 -12.73 -20.87 -21.97
N VAL B 140 -13.36 -20.57 -23.11
CA VAL B 140 -14.46 -21.39 -23.59
C VAL B 140 -14.76 -21.08 -25.05
N GLU B 141 -15.34 -22.04 -25.76
CA GLU B 141 -15.74 -21.83 -27.16
C GLU B 141 -17.14 -21.24 -27.25
N ASN B 142 -17.26 -20.24 -28.11
CA ASN B 142 -18.55 -19.63 -28.46
C ASN B 142 -19.30 -18.98 -27.30
N TYR B 143 -18.58 -18.28 -26.43
CA TYR B 143 -19.24 -17.53 -25.36
C TYR B 143 -20.15 -16.48 -25.96
N PRO B 144 -21.40 -16.42 -25.50
CA PRO B 144 -22.41 -15.51 -26.04
C PRO B 144 -22.02 -14.03 -25.89
N PRO B 145 -21.96 -13.29 -27.01
CA PRO B 145 -21.49 -11.90 -27.02
C PRO B 145 -22.43 -10.96 -26.28
N GLU B 146 -23.72 -11.29 -26.25
CA GLU B 146 -24.70 -10.48 -25.52
C GLU B 146 -24.39 -10.47 -24.02
N MET B 147 -23.67 -11.49 -23.57
CA MET B 147 -23.27 -11.60 -22.17
C MET B 147 -22.05 -10.76 -21.81
N MET B 148 -21.36 -10.21 -22.82
CA MET B 148 -20.10 -9.52 -22.57
C MET B 148 -20.28 -8.06 -22.12
N CYS B 149 -21.25 -7.82 -21.24
CA CYS B 149 -21.48 -6.47 -20.73
C CYS B 149 -22.18 -6.46 -19.37
N MET B 150 -22.12 -5.31 -18.71
CA MET B 150 -22.68 -5.12 -17.37
C MET B 150 -24.21 -5.16 -17.33
N ALA B 151 -24.83 -5.10 -18.50
CA ALA B 151 -26.28 -4.99 -18.58
C ALA B 151 -26.97 -6.35 -18.64
N PHE B 152 -26.20 -7.41 -18.92
CA PHE B 152 -26.80 -8.72 -19.16
C PHE B 152 -27.50 -9.31 -17.93
N GLY B 153 -27.03 -8.95 -16.74
CA GLY B 153 -27.60 -9.44 -15.50
C GLY B 153 -29.10 -9.14 -15.40
N SER B 154 -29.49 -7.98 -15.90
CA SER B 154 -30.88 -7.54 -15.87
C SER B 154 -31.79 -8.41 -16.74
N LEU B 155 -31.20 -9.15 -17.66
CA LEU B 155 -31.96 -9.94 -18.62
C LEU B 155 -32.11 -11.40 -18.22
N ILE B 156 -31.55 -11.78 -17.08
CA ILE B 156 -31.71 -13.14 -16.60
C ILE B 156 -33.05 -13.24 -15.89
N PRO B 157 -33.94 -14.09 -16.42
CA PRO B 157 -35.31 -14.21 -15.91
C PRO B 157 -35.39 -15.13 -14.69
N THR B 158 -36.26 -14.78 -13.75
CA THR B 158 -36.48 -15.59 -12.55
C THR B 158 -37.83 -16.28 -12.60
N ALA B 159 -38.55 -16.09 -13.70
CA ALA B 159 -39.90 -16.59 -13.84
C ALA B 159 -40.22 -16.80 -15.32
N GLY B 160 -40.95 -17.86 -15.62
CA GLY B 160 -41.24 -18.20 -17.01
C GLY B 160 -40.21 -19.20 -17.52
N VAL B 161 -39.25 -19.52 -16.67
CA VAL B 161 -38.26 -20.54 -16.95
C VAL B 161 -38.11 -21.34 -15.67
N SER B 162 -37.52 -22.53 -15.76
CA SER B 162 -37.26 -23.33 -14.57
C SER B 162 -36.18 -22.67 -13.73
N GLU B 163 -36.18 -22.94 -12.43
CA GLU B 163 -35.17 -22.40 -11.52
C GLU B 163 -33.77 -22.90 -11.86
N ALA B 164 -33.70 -24.04 -12.55
CA ALA B 164 -32.42 -24.62 -12.95
C ALA B 164 -31.77 -23.77 -14.06
N THR B 165 -32.61 -23.25 -14.97
CA THR B 165 -32.18 -22.34 -16.05
C THR B 165 -31.47 -21.10 -15.50
N THR B 166 -32.08 -20.47 -14.50
CA THR B 166 -31.52 -19.28 -13.86
C THR B 166 -30.11 -19.56 -13.33
N LYS B 167 -29.93 -20.71 -12.69
CA LYS B 167 -28.66 -21.09 -12.09
C LYS B 167 -27.51 -21.17 -13.11
N THR B 168 -27.73 -21.93 -14.17
CA THR B 168 -26.73 -22.06 -15.24
C THR B 168 -26.47 -20.71 -15.91
N LEU B 169 -27.52 -19.97 -16.26
CA LEU B 169 -27.32 -18.64 -16.85
C LEU B 169 -26.46 -17.71 -15.98
N MET B 170 -26.78 -17.65 -14.69
CA MET B 170 -26.02 -16.79 -13.78
C MET B 170 -24.57 -17.24 -13.64
N GLU B 171 -24.33 -18.55 -13.70
CA GLU B 171 -22.95 -19.04 -13.62
C GLU B 171 -22.16 -18.81 -14.92
N ALA B 172 -22.82 -19.01 -16.06
CA ALA B 172 -22.24 -18.72 -17.36
C ALA B 172 -21.82 -17.25 -17.44
N TYR B 173 -22.73 -16.37 -17.05
CA TYR B 173 -22.47 -14.93 -17.01
C TYR B 173 -21.39 -14.57 -15.99
N SER B 174 -21.35 -15.32 -14.90
CA SER B 174 -20.36 -15.11 -13.84
C SER B 174 -18.94 -15.27 -14.37
N LEU B 175 -18.78 -16.04 -15.43
CA LEU B 175 -17.48 -16.17 -16.10
C LEU B 175 -17.02 -14.81 -16.63
N TRP B 176 -17.91 -14.12 -17.34
CA TRP B 176 -17.60 -12.78 -17.84
C TRP B 176 -17.41 -11.81 -16.70
N GLN B 177 -18.27 -11.89 -15.70
CA GLN B 177 -18.15 -10.99 -14.56
C GLN B 177 -16.78 -11.16 -13.89
N ASP B 178 -16.33 -12.41 -13.80
CA ASP B 178 -15.01 -12.74 -13.27
C ASP B 178 -13.89 -12.10 -14.08
N ALA B 179 -13.87 -12.38 -15.39
CA ALA B 179 -12.82 -11.82 -16.24
C ALA B 179 -12.81 -10.28 -16.24
N PHE B 180 -13.99 -9.69 -16.31
CA PHE B 180 -14.18 -8.24 -16.34
C PHE B 180 -13.66 -7.63 -15.05
N THR B 181 -14.13 -8.16 -13.92
CA THR B 181 -13.70 -7.72 -12.59
C THR B 181 -12.18 -7.80 -12.46
N LYS B 182 -11.61 -8.93 -12.87
CA LYS B 182 -10.16 -9.08 -12.83
C LYS B 182 -9.45 -8.03 -13.69
N THR B 183 -10.05 -7.69 -14.83
CA THR B 183 -9.42 -6.74 -15.76
C THR B 183 -9.52 -5.26 -15.36
N ILE B 184 -10.57 -4.87 -14.64
CA ILE B 184 -10.75 -3.45 -14.24
C ILE B 184 -10.72 -3.08 -12.74
N ASN B 185 -11.01 -4.03 -11.86
CA ASN B 185 -11.32 -3.73 -10.45
C ASN B 185 -10.15 -3.47 -9.50
N VAL B 186 -9.06 -4.23 -9.63
CA VAL B 186 -7.89 -4.08 -8.75
C VAL B 186 -8.27 -4.39 -7.31
N ALA B 191 -6.45 -13.45 -5.26
CA ALA B 191 -7.76 -13.04 -5.74
C ALA B 191 -8.60 -14.24 -6.16
N SER B 192 -9.04 -15.03 -5.18
CA SER B 192 -9.76 -16.26 -5.50
C SER B 192 -11.09 -15.97 -6.19
N LYS B 193 -11.59 -17.02 -6.83
CA LYS B 193 -12.86 -17.02 -7.53
C LYS B 193 -14.06 -16.56 -6.69
N THR B 194 -14.20 -17.12 -5.49
CA THR B 194 -15.33 -16.79 -4.62
C THR B 194 -15.20 -15.39 -4.02
N GLU B 195 -13.99 -14.97 -3.71
CA GLU B 195 -13.74 -13.62 -3.18
C GLU B 195 -14.15 -12.54 -4.18
N VAL B 196 -13.79 -12.74 -5.45
CA VAL B 196 -14.20 -11.80 -6.49
C VAL B 196 -15.69 -11.98 -6.77
N TYR B 197 -16.19 -13.20 -6.56
CA TYR B 197 -17.62 -13.47 -6.68
C TYR B 197 -18.36 -12.53 -5.73
N ASN B 198 -17.80 -12.34 -4.53
CA ASN B 198 -18.39 -11.44 -3.55
C ASN B 198 -18.33 -9.97 -4.00
N SER B 199 -17.40 -9.65 -4.90
CA SER B 199 -17.29 -8.30 -5.41
C SER B 199 -18.43 -7.92 -6.35
N PHE B 200 -19.12 -8.91 -6.90
CA PHE B 200 -20.23 -8.64 -7.83
C PHE B 200 -21.55 -9.35 -7.54
N ARG B 201 -21.61 -10.09 -6.43
CA ARG B 201 -22.82 -10.82 -6.11
C ARG B 201 -24.00 -9.87 -5.90
N ASP B 202 -23.80 -8.80 -5.15
CA ASP B 202 -24.89 -7.91 -4.82
C ASP B 202 -25.49 -7.20 -6.04
N PRO B 203 -24.67 -6.54 -6.88
CA PRO B 203 -25.26 -5.99 -8.10
C PRO B 203 -25.89 -7.03 -9.03
N LEU B 204 -25.30 -8.23 -9.12
CA LEU B 204 -25.83 -9.25 -10.01
C LEU B 204 -27.23 -9.69 -9.56
N HIS B 205 -27.36 -10.06 -8.30
CA HIS B 205 -28.66 -10.41 -7.74
C HIS B 205 -29.69 -9.27 -7.74
N ALA B 206 -29.24 -8.05 -7.50
CA ALA B 206 -30.13 -6.90 -7.57
C ALA B 206 -30.67 -6.75 -8.99
N ALA B 207 -29.78 -6.88 -9.97
CA ALA B 207 -30.19 -6.81 -11.38
C ALA B 207 -31.15 -7.94 -11.73
N VAL B 208 -30.85 -9.15 -11.27
CA VAL B 208 -31.66 -10.33 -11.56
C VAL B 208 -33.00 -10.30 -10.83
N ASN B 209 -33.01 -9.90 -9.56
CA ASN B 209 -34.26 -9.90 -8.77
C ASN B 209 -35.17 -8.69 -8.98
N SER B 210 -34.63 -7.60 -9.52
CA SER B 210 -35.42 -6.39 -9.82
C SER B 210 -36.55 -6.70 -10.80
N VAL B 211 -37.69 -6.00 -10.64
CA VAL B 211 -38.86 -6.27 -11.46
C VAL B 211 -39.16 -5.20 -12.52
N PHE B 212 -38.33 -4.16 -12.60
CA PHE B 212 -38.55 -3.09 -13.56
C PHE B 212 -38.65 -3.63 -14.98
N PHE B 213 -37.71 -4.48 -15.36
CA PHE B 213 -37.71 -5.08 -16.69
C PHE B 213 -38.39 -6.45 -16.64
N PRO B 214 -39.54 -6.57 -17.31
CA PRO B 214 -40.46 -7.71 -17.24
C PRO B 214 -39.82 -9.03 -17.67
N ASN B 215 -40.08 -10.09 -16.92
CA ASN B 215 -39.51 -11.40 -17.19
C ASN B 215 -39.87 -12.01 -18.55
N ASP B 216 -41.12 -11.85 -18.99
CA ASP B 216 -41.55 -12.47 -20.25
C ASP B 216 -40.78 -11.94 -21.47
N VAL B 217 -40.48 -10.64 -21.47
CA VAL B 217 -39.67 -10.04 -22.54
C VAL B 217 -38.24 -10.54 -22.43
N ARG B 218 -37.73 -10.70 -21.20
CA ARG B 218 -36.39 -11.26 -20.98
C ARG B 218 -36.25 -12.63 -21.64
N VAL B 219 -37.18 -13.53 -21.29
CA VAL B 219 -37.18 -14.88 -21.83
C VAL B 219 -37.30 -14.87 -23.35
N LYS B 220 -38.24 -14.06 -23.85
CA LYS B 220 -38.46 -13.94 -25.28
C LYS B 220 -37.19 -13.50 -26.01
N TRP B 221 -36.50 -12.54 -25.40
CA TRP B 221 -35.28 -11.97 -25.97
C TRP B 221 -34.19 -13.02 -26.00
N LEU B 222 -34.04 -13.75 -24.90
CA LEU B 222 -33.09 -14.84 -24.82
C LEU B 222 -33.38 -15.95 -25.85
N LYS B 223 -34.65 -16.19 -26.15
CA LYS B 223 -35.00 -17.17 -27.18
C LYS B 223 -34.56 -16.65 -28.54
N ALA B 224 -34.88 -15.38 -28.80
CA ALA B 224 -34.51 -14.76 -30.06
C ALA B 224 -33.01 -14.74 -30.30
N LYS B 225 -32.24 -14.61 -29.22
CA LYS B 225 -30.78 -14.56 -29.34
C LYS B 225 -30.13 -15.93 -29.24
N GLY B 226 -30.94 -16.97 -29.06
CA GLY B 226 -30.44 -18.32 -28.99
C GLY B 226 -29.66 -18.69 -27.75
N ILE B 227 -29.80 -17.90 -26.69
CA ILE B 227 -29.17 -18.23 -25.40
C ILE B 227 -30.07 -19.26 -24.71
N LEU B 228 -31.36 -19.15 -24.97
CA LEU B 228 -32.32 -20.18 -24.58
C LEU B 228 -32.82 -20.90 -25.82
N GLY B 229 -33.06 -22.20 -25.69
CA GLY B 229 -33.64 -22.98 -26.76
C GLY B 229 -35.10 -22.61 -26.94
N PRO B 230 -35.74 -23.14 -28.00
CA PRO B 230 -37.16 -22.84 -28.23
C PRO B 230 -38.08 -23.36 -27.13
N ASP B 231 -37.60 -24.27 -26.30
CA ASP B 231 -38.38 -24.81 -25.20
C ASP B 231 -38.06 -24.08 -23.89
N GLY B 232 -37.02 -23.26 -23.90
CA GLY B 232 -36.67 -22.48 -22.74
C GLY B 232 -35.50 -23.03 -21.92
N VAL B 233 -34.70 -23.90 -22.52
CA VAL B 233 -33.53 -24.42 -21.83
C VAL B 233 -32.26 -23.86 -22.45
N PRO B 234 -31.20 -23.70 -21.63
CA PRO B 234 -29.92 -23.09 -22.01
C PRO B 234 -29.25 -23.73 -23.21
N SER B 235 -28.61 -22.90 -24.03
CA SER B 235 -27.85 -23.36 -25.18
C SER B 235 -26.67 -24.19 -24.71
N ARG B 236 -26.02 -24.89 -25.64
CA ARG B 236 -24.83 -25.64 -25.29
C ARG B 236 -23.72 -24.70 -24.81
N ALA B 237 -23.60 -23.57 -25.49
CA ALA B 237 -22.60 -22.56 -25.13
C ALA B 237 -22.80 -22.07 -23.70
N ALA B 238 -24.06 -21.87 -23.30
CA ALA B 238 -24.38 -21.43 -21.95
C ALA B 238 -23.96 -22.46 -20.90
N GLU B 239 -24.34 -23.71 -21.10
CA GLU B 239 -23.95 -24.80 -20.20
C GLU B 239 -22.44 -25.02 -20.13
N VAL B 240 -21.77 -25.01 -21.28
CA VAL B 240 -20.32 -25.18 -21.32
C VAL B 240 -19.65 -24.04 -20.58
N ALA B 241 -20.14 -22.82 -20.78
CA ALA B 241 -19.63 -21.65 -20.07
C ALA B 241 -19.86 -21.77 -18.55
N ALA B 242 -21.04 -22.23 -18.18
CA ALA B 242 -21.39 -22.46 -16.77
C ALA B 242 -20.45 -23.47 -16.12
N ALA B 243 -20.27 -24.61 -16.78
CA ALA B 243 -19.35 -25.64 -16.34
C ALA B 243 -17.95 -25.06 -16.21
N ALA B 244 -17.59 -24.24 -17.19
CA ALA B 244 -16.29 -23.60 -17.21
C ALA B 244 -16.13 -22.67 -16.02
N TYR B 245 -17.22 -22.06 -15.57
CA TYR B 245 -17.12 -21.22 -14.38
C TYR B 245 -17.06 -22.01 -13.08
N ARG B 246 -17.93 -22.99 -12.91
CA ARG B 246 -17.93 -23.84 -11.71
C ARG B 246 -16.62 -24.61 -11.51
N ASN B 247 -15.98 -25.02 -12.61
CA ASN B 247 -14.79 -25.87 -12.51
C ASN B 247 -13.59 -25.27 -11.78
N LEU B 248 -13.11 -24.10 -12.21
CA LEU B 248 -12.03 -23.42 -11.48
C LEU B 248 -12.11 -21.90 -11.48
N MET C 4 25.02 9.53 40.97
CA MET C 4 25.00 10.80 40.30
C MET C 4 23.73 11.64 40.62
N SER C 5 22.78 11.82 39.71
CA SER C 5 21.71 12.81 39.92
C SER C 5 20.66 12.52 40.96
N GLU C 6 19.98 13.57 41.38
CA GLU C 6 18.86 13.44 42.27
C GLU C 6 17.77 12.64 41.63
N TRP C 7 17.62 12.82 40.32
CA TRP C 7 16.60 12.15 39.54
C TRP C 7 16.76 10.64 39.44
N SER C 8 17.97 10.16 39.43
CA SER C 8 18.34 8.74 39.44
C SER C 8 17.97 8.09 40.76
N ARG C 9 18.22 8.80 41.86
CA ARG C 9 17.91 8.30 43.19
C ARG C 9 16.41 8.12 43.31
N ILE C 10 15.65 9.09 42.81
CA ILE C 10 14.20 9.00 42.78
C ILE C 10 13.71 7.80 41.97
N ALA C 11 14.29 7.56 40.81
CA ALA C 11 13.87 6.40 40.00
C ALA C 11 14.13 5.08 40.74
N VAL C 12 15.31 4.98 41.35
CA VAL C 12 15.70 3.78 42.08
C VAL C 12 14.76 3.55 43.26
N GLU C 13 14.49 4.60 44.03
CA GLU C 13 13.58 4.52 45.17
C GLU C 13 12.16 4.18 44.75
N PHE C 14 11.74 4.75 43.63
CA PHE C 14 10.42 4.49 43.05
C PHE C 14 10.27 3.01 42.80
N GLY C 15 11.33 2.38 42.30
CA GLY C 15 11.25 0.94 42.06
C GLY C 15 11.34 0.08 43.32
N GLU C 16 11.58 0.71 44.46
CA GLU C 16 11.66 0.00 45.74
C GLU C 16 10.35 -0.07 46.52
N GLN C 17 9.31 0.55 45.97
CA GLN C 17 7.99 0.56 46.62
C GLN C 17 7.30 -0.79 46.60
N GLN C 18 6.44 -1.03 47.60
CA GLN C 18 5.59 -2.19 47.58
C GLN C 18 4.47 -1.98 46.57
N LEU C 19 4.14 -3.04 45.85
CA LEU C 19 3.04 -3.02 44.90
C LEU C 19 1.70 -3.14 45.63
N ASN C 20 0.75 -2.27 45.30
CA ASN C 20 -0.62 -2.46 45.78
C ASN C 20 -1.39 -3.27 44.74
N LEU C 21 -1.38 -4.58 44.92
CA LEU C 21 -1.95 -5.52 43.94
C LEU C 21 -3.41 -5.28 43.59
N THR C 22 -4.23 -5.01 44.61
CA THR C 22 -5.66 -4.84 44.41
C THR C 22 -5.93 -3.59 43.58
N GLU C 23 -5.27 -2.51 43.97
CA GLU C 23 -5.34 -1.24 43.26
C GLU C 23 -4.76 -1.30 41.83
N LEU C 24 -3.69 -2.09 41.64
CA LEU C 24 -3.12 -2.30 40.30
C LEU C 24 -4.10 -3.03 39.40
N GLU C 25 -4.66 -4.12 39.91
CA GLU C 25 -5.64 -4.90 39.19
C GLU C 25 -6.84 -4.04 38.83
N ASP C 26 -7.26 -3.21 39.77
CA ASP C 26 -8.34 -2.26 39.54
C ASP C 26 -8.02 -1.29 38.40
N PHE C 27 -6.80 -0.73 38.40
CA PHE C 27 -6.37 0.16 37.32
C PHE C 27 -6.38 -0.53 35.97
N ALA C 28 -5.83 -1.74 35.92
CA ALA C 28 -5.75 -2.50 34.68
C ALA C 28 -7.13 -2.80 34.12
N ARG C 29 -8.04 -3.22 35.00
CA ARG C 29 -9.42 -3.46 34.60
C ARG C 29 -10.10 -2.18 34.10
N GLU C 30 -9.87 -1.07 34.81
CA GLU C 30 -10.40 0.22 34.40
C GLU C 30 -9.91 0.64 33.02
N LEU C 31 -8.67 0.28 32.71
CA LEU C 31 -8.00 0.71 31.48
C LEU C 31 -8.06 -0.32 30.35
N ALA C 32 -8.58 -1.51 30.64
CA ALA C 32 -8.59 -2.61 29.66
C ALA C 32 -9.48 -2.29 28.46
N TYR C 33 -9.27 -3.01 27.37
CA TYR C 33 -10.05 -2.82 26.16
C TYR C 33 -11.54 -3.05 26.42
N GLU C 34 -12.35 -2.11 25.95
CA GLU C 34 -13.79 -2.22 26.00
C GLU C 34 -14.35 -1.85 24.65
N GLY C 35 -15.09 -2.78 24.04
CA GLY C 35 -15.62 -2.54 22.71
C GLY C 35 -16.67 -1.46 22.75
N LEU C 36 -17.49 -1.49 23.77
CA LEU C 36 -18.60 -0.56 23.89
C LEU C 36 -19.16 -0.60 25.29
N ASP C 37 -19.91 0.44 25.66
CA ASP C 37 -20.69 0.38 26.88
C ASP C 37 -22.16 0.28 26.45
N PRO C 38 -22.69 -0.96 26.43
CA PRO C 38 -24.03 -1.32 25.97
C PRO C 38 -25.10 -0.58 26.76
N ALA C 39 -24.90 -0.46 28.06
CA ALA C 39 -25.83 0.24 28.94
C ALA C 39 -25.97 1.70 28.52
N LEU C 40 -24.85 2.35 28.19
CA LEU C 40 -24.86 3.73 27.73
C LEU C 40 -25.66 3.90 26.44
N ILE C 41 -25.45 2.97 25.52
CA ILE C 41 -26.11 2.99 24.22
C ILE C 41 -27.62 2.81 24.39
N ILE C 42 -28.02 1.80 25.16
CA ILE C 42 -29.44 1.52 25.38
C ILE C 42 -30.12 2.68 26.10
N LYS C 43 -29.45 3.23 27.10
CA LYS C 43 -29.91 4.42 27.80
C LYS C 43 -30.12 5.56 26.80
N LYS C 44 -29.16 5.71 25.91
CA LYS C 44 -29.21 6.76 24.91
C LYS C 44 -30.41 6.61 23.99
N LEU C 45 -30.59 5.41 23.44
CA LEU C 45 -31.68 5.10 22.52
C LEU C 45 -33.05 5.26 23.14
N LYS C 46 -33.22 4.64 24.31
CA LYS C 46 -34.49 4.65 25.02
C LYS C 46 -34.87 6.06 25.43
N GLU C 47 -33.90 6.82 25.91
CA GLU C 47 -34.16 8.21 26.29
C GLU C 47 -34.47 9.15 25.14
N THR C 48 -33.82 8.97 23.98
CA THR C 48 -34.07 9.89 22.86
C THR C 48 -35.26 9.54 21.96
N GLY C 49 -35.46 8.26 21.69
CA GLY C 49 -36.46 7.84 20.72
C GLY C 49 -37.85 7.61 21.28
N GLY C 50 -37.93 7.45 22.61
CA GLY C 50 -39.17 7.16 23.30
C GLY C 50 -39.65 5.75 23.03
N ASP C 51 -40.97 5.56 22.88
CA ASP C 51 -41.52 4.24 22.60
C ASP C 51 -41.11 3.76 21.23
N ASP C 52 -40.72 4.72 20.40
CA ASP C 52 -40.33 4.48 19.03
C ASP C 52 -38.96 3.79 18.94
N TRP C 53 -38.28 3.76 20.08
CA TRP C 53 -36.87 3.34 20.12
C TRP C 53 -36.68 1.88 19.73
N VAL C 54 -37.63 1.02 20.08
CA VAL C 54 -37.55 -0.40 19.74
C VAL C 54 -37.60 -0.61 18.20
N LYS C 55 -38.60 -0.04 17.55
CA LYS C 55 -38.74 -0.16 16.10
C LYS C 55 -37.50 0.42 15.38
N ASP C 56 -37.12 1.62 15.80
CA ASP C 56 -35.98 2.31 15.23
C ASP C 56 -34.72 1.44 15.36
N THR C 57 -34.54 0.90 16.55
CA THR C 57 -33.38 0.08 16.86
C THR C 57 -33.34 -1.16 15.99
N LYS C 58 -34.49 -1.81 15.81
CA LYS C 58 -34.54 -3.01 14.97
C LYS C 58 -34.12 -2.74 13.52
N PHE C 59 -34.63 -1.64 12.96
CA PHE C 59 -34.30 -1.21 11.60
C PHE C 59 -32.80 -0.88 11.48
N ILE C 60 -32.29 -0.09 12.43
CA ILE C 60 -30.87 0.26 12.48
C ILE C 60 -30.03 -1.01 12.50
N ILE C 61 -30.48 -2.00 13.27
CA ILE C 61 -29.77 -3.26 13.38
C ILE C 61 -29.82 -4.05 12.06
N VAL C 62 -30.96 -4.02 11.37
CA VAL C 62 -31.03 -4.65 10.06
C VAL C 62 -30.02 -4.01 9.10
N PHE C 63 -29.93 -2.68 9.17
CA PHE C 63 -28.94 -1.94 8.38
C PHE C 63 -27.51 -2.31 8.74
N ALA C 64 -27.21 -2.43 10.03
CA ALA C 64 -25.89 -2.83 10.49
C ALA C 64 -25.54 -4.24 9.99
N LEU C 65 -26.50 -5.14 10.10
CA LEU C 65 -26.33 -6.53 9.70
C LEU C 65 -26.07 -6.68 8.21
N THR C 66 -26.78 -5.90 7.40
CA THR C 66 -26.74 -6.10 5.95
C THR C 66 -25.82 -5.15 5.18
N ARG C 67 -25.48 -4.01 5.77
CA ARG C 67 -24.75 -2.97 5.03
C ARG C 67 -23.58 -2.39 5.83
N GLY C 68 -23.59 -2.60 7.14
CA GLY C 68 -22.51 -2.12 8.00
C GLY C 68 -22.70 -0.74 8.58
N ASN C 69 -21.61 0.02 8.66
CA ASN C 69 -21.61 1.34 9.29
C ASN C 69 -21.63 2.50 8.29
N LYS C 70 -21.39 2.21 7.02
CA LYS C 70 -21.22 3.27 6.03
C LYS C 70 -22.57 3.83 5.61
N ILE C 71 -23.11 4.73 6.44
CA ILE C 71 -24.46 5.24 6.30
C ILE C 71 -24.71 5.95 4.97
N VAL C 72 -23.89 6.94 4.67
CA VAL C 72 -24.06 7.75 3.45
C VAL C 72 -23.85 6.92 2.19
N LYS C 73 -22.74 6.22 2.18
CA LYS C 73 -22.33 5.48 1.04
C LYS C 73 -23.38 4.43 0.66
N ALA C 74 -23.92 3.70 1.62
CA ALA C 74 -25.02 2.80 1.33
C ALA C 74 -26.31 3.49 0.93
N SER C 75 -26.63 4.56 1.63
CA SER C 75 -27.92 5.21 1.55
C SER C 75 -28.18 5.73 0.17
N GLY C 76 -27.12 6.16 -0.47
CA GLY C 76 -27.19 6.48 -1.87
C GLY C 76 -27.35 5.23 -2.69
N LYS C 77 -27.17 4.11 -2.03
CA LYS C 77 -27.19 2.83 -2.71
C LYS C 77 -28.37 1.86 -2.43
N MET C 78 -29.47 2.33 -1.89
CA MET C 78 -30.61 1.46 -1.63
C MET C 78 -31.90 1.90 -2.30
N SER C 79 -33.00 1.38 -1.78
CA SER C 79 -34.32 1.81 -2.14
C SER C 79 -34.57 3.19 -1.58
N ASN C 80 -35.50 3.89 -2.19
CA ASN C 80 -35.84 5.23 -1.80
C ASN C 80 -36.40 5.37 -0.37
N SER C 81 -37.33 4.52 0.03
CA SER C 81 -37.89 4.53 1.38
C SER C 81 -36.84 4.18 2.41
N GLY C 82 -36.05 3.16 2.10
CA GLY C 82 -34.94 2.75 2.94
C GLY C 82 -33.97 3.88 3.20
N SER C 83 -33.53 4.55 2.13
CA SER C 83 -32.60 5.68 2.24
C SER C 83 -33.15 6.79 3.11
N LYS C 84 -34.41 7.16 2.84
CA LYS C 84 -35.06 8.25 3.55
C LYS C 84 -35.09 7.96 5.04
N ARG C 85 -35.53 6.76 5.36
CA ARG C 85 -35.63 6.40 6.75
C ARG C 85 -34.30 6.26 7.48
N LEU C 86 -33.30 5.77 6.75
CA LEU C 86 -31.98 5.64 7.31
C LEU C 86 -31.43 7.00 7.69
N MET C 87 -31.54 7.96 6.78
CA MET C 87 -31.11 9.33 7.09
C MET C 87 -31.93 9.95 8.23
N ALA C 88 -33.24 9.69 8.24
CA ALA C 88 -34.10 10.20 9.31
C ALA C 88 -33.62 9.71 10.68
N LEU C 89 -33.30 8.43 10.75
CA LEU C 89 -32.81 7.82 11.99
C LEU C 89 -31.43 8.37 12.33
N GLN C 90 -30.64 8.64 11.29
CA GLN C 90 -29.31 9.22 11.43
C GLN C 90 -29.40 10.55 12.17
N GLU C 91 -30.21 11.48 11.69
CA GLU C 91 -30.38 12.74 12.41
C GLU C 91 -30.99 12.56 13.79
N LYS C 92 -31.98 11.68 13.87
CA LYS C 92 -32.71 11.47 15.11
C LYS C 92 -31.82 10.99 16.25
N TYR C 93 -30.88 10.10 15.96
CA TYR C 93 -30.06 9.48 17.00
C TYR C 93 -28.60 9.94 17.02
N GLY C 94 -28.21 10.81 16.11
CA GLY C 94 -26.83 11.26 16.01
C GLY C 94 -25.91 10.10 15.65
N LEU C 95 -26.33 9.30 14.67
CA LEU C 95 -25.57 8.15 14.21
C LEU C 95 -24.28 8.57 13.51
N VAL C 96 -23.21 7.81 13.76
CA VAL C 96 -21.93 8.03 13.09
C VAL C 96 -21.49 6.79 12.31
N GLU C 97 -20.55 6.94 11.40
CA GLU C 97 -20.12 5.81 10.57
C GLU C 97 -18.92 5.13 11.19
N ARG C 98 -18.30 5.80 12.16
CA ARG C 98 -17.09 5.27 12.77
C ARG C 98 -17.15 5.41 14.29
N ALA C 99 -16.75 4.35 14.99
CA ALA C 99 -16.76 4.37 16.46
C ALA C 99 -15.50 5.06 16.97
N GLU C 100 -15.65 6.30 17.43
CA GLU C 100 -14.47 7.05 17.82
C GLU C 100 -14.38 7.37 19.32
N THR C 101 -15.51 7.38 20.02
CA THR C 101 -15.56 7.81 21.43
C THR C 101 -16.44 6.83 22.22
N ARG C 102 -16.34 6.85 23.55
CA ARG C 102 -17.13 5.99 24.42
C ARG C 102 -18.63 6.28 24.38
N LEU C 103 -18.99 7.50 23.97
CA LEU C 103 -20.39 7.90 23.89
C LEU C 103 -20.96 7.65 22.50
N SER C 104 -20.03 7.46 21.56
CA SER C 104 -20.35 7.32 20.15
C SER C 104 -21.25 6.14 19.79
N ILE C 105 -22.30 6.42 19.02
CA ILE C 105 -23.23 5.38 18.57
C ILE C 105 -23.17 5.06 17.08
N THR C 106 -22.63 3.89 16.76
CA THR C 106 -22.61 3.36 15.40
C THR C 106 -23.71 2.31 15.32
N PRO C 107 -24.22 2.04 14.10
CA PRO C 107 -25.24 0.99 13.91
C PRO C 107 -24.77 -0.36 14.44
N VAL C 108 -23.51 -0.70 14.16
CA VAL C 108 -22.93 -1.96 14.61
C VAL C 108 -22.87 -2.05 16.14
N ARG C 109 -22.58 -0.93 16.79
CA ARG C 109 -22.60 -0.88 18.25
C ARG C 109 -24.01 -1.10 18.81
N VAL C 110 -25.01 -0.56 18.13
CA VAL C 110 -26.40 -0.81 18.47
C VAL C 110 -26.70 -2.30 18.37
N ALA C 111 -26.28 -2.90 17.26
CA ALA C 111 -26.47 -4.33 17.04
C ALA C 111 -25.81 -5.17 18.15
N GLN C 112 -24.60 -4.77 18.54
CA GLN C 112 -23.88 -5.47 19.60
C GLN C 112 -24.49 -5.22 20.97
N SER C 113 -25.25 -4.14 21.11
CA SER C 113 -25.89 -3.81 22.37
C SER C 113 -27.11 -4.68 22.67
N LEU C 114 -27.70 -5.26 21.64
CA LEU C 114 -28.85 -6.14 21.81
C LEU C 114 -28.60 -7.47 21.11
N PRO C 115 -27.63 -8.26 21.63
CA PRO C 115 -27.07 -9.40 20.90
C PRO C 115 -28.04 -10.56 20.66
N THR C 116 -28.92 -10.86 21.62
CA THR C 116 -29.88 -11.93 21.45
C THR C 116 -30.88 -11.65 20.33
N TRP C 117 -31.30 -10.39 20.21
CA TRP C 117 -32.17 -10.00 19.11
C TRP C 117 -31.41 -9.99 17.78
N THR C 118 -30.28 -9.29 17.76
CA THR C 118 -29.42 -9.17 16.58
C THR C 118 -29.04 -10.51 15.94
N CYS C 119 -28.65 -11.49 16.76
CA CYS C 119 -28.23 -12.79 16.25
C CYS C 119 -29.42 -13.58 15.71
N ALA C 120 -30.57 -13.42 16.34
CA ALA C 120 -31.80 -14.03 15.87
C ALA C 120 -32.21 -13.44 14.52
N ALA C 121 -32.14 -12.12 14.42
CA ALA C 121 -32.44 -11.42 13.18
C ALA C 121 -31.47 -11.80 12.06
N ALA C 122 -30.21 -11.97 12.42
CA ALA C 122 -29.17 -12.33 11.46
C ALA C 122 -29.42 -13.71 10.87
N ALA C 123 -29.86 -14.64 11.72
CA ALA C 123 -30.17 -16.00 11.28
C ALA C 123 -31.35 -15.99 10.32
N ALA C 124 -32.36 -15.21 10.66
CA ALA C 124 -33.55 -15.08 9.82
C ALA C 124 -33.23 -14.39 8.50
N LEU C 125 -32.26 -13.48 8.51
CA LEU C 125 -31.89 -12.73 7.31
C LEU C 125 -30.56 -13.21 6.72
N LYS C 126 -30.24 -14.49 6.94
CA LYS C 126 -28.98 -15.09 6.49
C LYS C 126 -28.61 -14.77 5.03
N GLU C 127 -29.60 -14.84 4.15
CA GLU C 127 -29.41 -14.64 2.72
C GLU C 127 -29.05 -13.19 2.36
N TYR C 128 -29.22 -12.29 3.32
CA TYR C 128 -28.98 -10.86 3.13
C TYR C 128 -27.64 -10.44 3.73
N LEU C 129 -26.97 -11.38 4.38
CA LEU C 129 -25.72 -11.07 5.06
C LEU C 129 -24.56 -10.94 4.07
N PRO C 130 -23.63 -10.02 4.35
CA PRO C 130 -22.43 -9.81 3.53
C PRO C 130 -21.56 -11.05 3.57
N VAL C 131 -21.42 -11.63 4.75
CA VAL C 131 -20.74 -12.90 4.91
C VAL C 131 -21.70 -13.89 5.55
N GLY C 132 -22.40 -14.64 4.71
CA GLY C 132 -23.41 -15.57 5.16
C GLY C 132 -23.11 -16.97 4.66
N PRO C 133 -24.16 -17.79 4.49
CA PRO C 133 -24.10 -19.19 4.07
C PRO C 133 -23.33 -19.38 2.76
N ALA C 134 -23.42 -18.42 1.85
CA ALA C 134 -22.69 -18.48 0.58
C ALA C 134 -21.19 -18.65 0.81
N VAL C 135 -20.62 -17.80 1.66
CA VAL C 135 -19.21 -17.91 2.04
C VAL C 135 -18.93 -19.09 2.98
N MET C 136 -19.76 -19.25 4.01
CA MET C 136 -19.52 -20.22 5.09
C MET C 136 -19.70 -21.70 4.77
N ASN C 137 -20.74 -22.04 4.00
CA ASN C 137 -20.99 -23.43 3.62
C ASN C 137 -19.80 -24.02 2.84
N LEU C 138 -19.04 -23.16 2.18
CA LEU C 138 -17.83 -23.57 1.47
C LEU C 138 -16.76 -24.11 2.41
N LYS C 139 -16.72 -23.56 3.62
CA LYS C 139 -15.70 -23.91 4.61
C LYS C 139 -16.14 -25.07 5.47
N VAL C 140 -17.45 -25.17 5.66
CA VAL C 140 -18.01 -26.12 6.60
C VAL C 140 -19.48 -26.25 6.23
N GLU C 141 -20.05 -27.41 6.50
CA GLU C 141 -21.43 -27.64 6.18
C GLU C 141 -22.30 -27.17 7.34
N ASN C 142 -23.37 -26.44 7.03
CA ASN C 142 -24.36 -26.05 8.04
C ASN C 142 -23.85 -25.15 9.17
N TYR C 143 -23.02 -24.13 8.86
CA TYR C 143 -22.55 -23.17 9.88
C TYR C 143 -23.73 -22.47 10.56
N PRO C 144 -23.68 -22.38 11.91
CA PRO C 144 -24.79 -21.79 12.66
C PRO C 144 -25.07 -20.35 12.23
N PRO C 145 -26.31 -20.08 11.78
CA PRO C 145 -26.68 -18.78 11.21
C PRO C 145 -26.62 -17.67 12.26
N GLU C 146 -26.83 -18.04 13.52
CA GLU C 146 -26.75 -17.10 14.63
C GLU C 146 -25.32 -16.58 14.83
N MET C 147 -24.37 -17.34 14.31
CA MET C 147 -22.97 -17.01 14.44
C MET C 147 -22.48 -16.07 13.38
N MET C 148 -23.29 -15.78 12.39
CA MET C 148 -22.82 -14.95 11.28
C MET C 148 -22.98 -13.45 11.49
N CYS C 149 -22.53 -12.95 12.62
CA CYS C 149 -22.64 -11.55 12.91
C CYS C 149 -21.71 -11.12 14.03
N MET C 150 -21.50 -9.84 14.14
CA MET C 150 -20.54 -9.27 15.09
C MET C 150 -21.00 -9.38 16.55
N ALA C 151 -22.27 -9.72 16.74
CA ALA C 151 -22.85 -9.72 18.09
C ALA C 151 -22.72 -11.05 18.82
N PHE C 152 -22.41 -12.12 18.08
CA PHE C 152 -22.44 -13.46 18.68
C PHE C 152 -21.43 -13.63 19.80
N GLY C 153 -20.34 -12.88 19.75
CA GLY C 153 -19.34 -12.93 20.79
C GLY C 153 -19.93 -12.66 22.16
N SER C 154 -20.91 -11.76 22.20
CA SER C 154 -21.56 -11.41 23.47
C SER C 154 -22.35 -12.56 24.08
N LEU C 155 -22.67 -13.56 23.27
CA LEU C 155 -23.53 -14.67 23.71
C LEU C 155 -22.74 -15.91 24.11
N ILE C 156 -21.41 -15.83 24.03
CA ILE C 156 -20.56 -16.95 24.46
C ILE C 156 -20.36 -16.89 25.97
N PRO C 157 -20.82 -17.94 26.69
CA PRO C 157 -20.82 -18.00 28.15
C PRO C 157 -19.49 -18.44 28.76
N THR C 158 -19.15 -17.86 29.91
CA THR C 158 -17.93 -18.21 30.64
C THR C 158 -18.28 -18.96 31.94
N ALA C 159 -19.56 -19.22 32.14
CA ALA C 159 -20.05 -19.80 33.38
C ALA C 159 -21.33 -20.59 33.09
N GLY C 160 -21.47 -21.73 33.74
CA GLY C 160 -22.58 -22.63 33.49
C GLY C 160 -22.17 -23.63 32.42
N VAL C 161 -20.96 -23.44 31.90
CA VAL C 161 -20.36 -24.38 30.95
C VAL C 161 -18.87 -24.61 31.24
N SER C 162 -18.34 -25.68 30.67
CA SER C 162 -16.91 -26.01 30.77
C SER C 162 -16.06 -25.02 29.97
N GLU C 163 -14.78 -24.89 30.34
CA GLU C 163 -13.86 -24.03 29.62
C GLU C 163 -13.60 -24.53 28.20
N ALA C 164 -13.77 -25.83 28.01
CA ALA C 164 -13.57 -26.45 26.70
C ALA C 164 -14.70 -26.07 25.76
N THR C 165 -15.92 -26.05 26.30
CA THR C 165 -17.10 -25.59 25.55
C THR C 165 -16.93 -24.15 25.07
N THR C 166 -16.57 -23.27 26.01
CA THR C 166 -16.34 -21.86 25.71
C THR C 166 -15.32 -21.72 24.60
N LYS C 167 -14.23 -22.48 24.73
CA LYS C 167 -13.16 -22.45 23.75
C LYS C 167 -13.63 -22.89 22.35
N THR C 168 -14.37 -23.99 22.31
CA THR C 168 -14.91 -24.53 21.08
C THR C 168 -15.79 -23.50 20.38
N LEU C 169 -16.72 -22.93 21.14
CA LEU C 169 -17.58 -21.87 20.62
C LEU C 169 -16.77 -20.71 20.07
N MET C 170 -15.75 -20.29 20.81
CA MET C 170 -14.91 -19.17 20.37
C MET C 170 -14.19 -19.47 19.06
N GLU C 171 -13.83 -20.73 18.85
CA GLU C 171 -13.16 -21.12 17.61
C GLU C 171 -14.14 -21.20 16.42
N ALA C 172 -15.32 -21.76 16.68
CA ALA C 172 -16.37 -21.83 15.68
C ALA C 172 -16.72 -20.43 15.20
N TYR C 173 -16.90 -19.52 16.15
CA TYR C 173 -17.16 -18.12 15.85
C TYR C 173 -15.95 -17.47 15.16
N SER C 174 -14.75 -17.91 15.56
CA SER C 174 -13.51 -17.39 14.99
C SER C 174 -13.39 -17.68 13.50
N LEU C 175 -14.00 -18.77 13.05
CA LEU C 175 -14.05 -19.05 11.61
C LEU C 175 -14.73 -17.90 10.87
N TRP C 176 -15.89 -17.50 11.39
CA TRP C 176 -16.65 -16.39 10.82
C TRP C 176 -15.91 -15.06 10.99
N GLN C 177 -15.35 -14.81 12.16
CA GLN C 177 -14.62 -13.57 12.39
C GLN C 177 -13.46 -13.41 11.41
N ASP C 178 -12.73 -14.50 11.18
CA ASP C 178 -11.64 -14.53 10.20
C ASP C 178 -12.12 -14.22 8.79
N ALA C 179 -13.08 -15.01 8.31
CA ALA C 179 -13.59 -14.81 6.95
C ALA C 179 -14.16 -13.40 6.75
N PHE C 180 -14.90 -12.91 7.76
CA PHE C 180 -15.51 -11.59 7.72
C PHE C 180 -14.45 -10.50 7.63
N THR C 181 -13.47 -10.58 8.53
CA THR C 181 -12.36 -9.63 8.55
C THR C 181 -11.64 -9.59 7.19
N LYS C 182 -11.35 -10.77 6.64
CA LYS C 182 -10.72 -10.84 5.33
C LYS C 182 -11.60 -10.26 4.21
N THR C 183 -12.90 -10.49 4.30
CA THR C 183 -13.83 -10.07 3.24
C THR C 183 -14.12 -8.57 3.25
N ILE C 184 -13.89 -7.92 4.40
CA ILE C 184 -14.16 -6.48 4.51
C ILE C 184 -12.93 -5.57 4.61
N ASN C 185 -11.86 -6.08 5.18
CA ASN C 185 -10.66 -5.28 5.31
C ASN C 185 -9.80 -5.22 4.07
N VAL C 186 -9.39 -4.01 3.74
CA VAL C 186 -8.46 -3.81 2.67
C VAL C 186 -7.19 -4.51 3.15
N LYS C 187 -6.90 -4.32 4.43
CA LYS C 187 -5.59 -4.63 4.96
C LYS C 187 -5.22 -6.10 4.79
N MET C 188 -6.20 -6.99 4.85
CA MET C 188 -5.96 -8.38 5.11
C MET C 188 -6.05 -9.40 3.99
N ARG C 189 -5.90 -9.02 2.73
CA ARG C 189 -6.24 -9.95 1.65
C ARG C 189 -5.45 -11.23 1.77
N GLY C 190 -4.16 -11.15 2.01
CA GLY C 190 -3.40 -12.34 2.28
C GLY C 190 -2.69 -12.12 3.60
N ALA C 191 -3.11 -12.83 4.64
CA ALA C 191 -2.50 -12.70 5.95
C ALA C 191 -2.65 -13.99 6.74
N SER C 192 -1.73 -14.26 7.64
CA SER C 192 -1.72 -15.51 8.37
C SER C 192 -2.95 -15.59 9.21
N LYS C 193 -3.42 -16.80 9.50
CA LYS C 193 -4.43 -16.92 10.53
C LYS C 193 -4.19 -16.02 11.78
N THR C 194 -2.94 -15.98 12.24
CA THR C 194 -2.60 -15.29 13.50
C THR C 194 -2.76 -13.75 13.53
N GLU C 195 -2.40 -13.04 12.46
CA GLU C 195 -2.59 -11.57 12.43
C GLU C 195 -4.07 -11.13 12.40
N VAL C 196 -4.92 -11.81 11.63
CA VAL C 196 -6.32 -11.41 11.58
C VAL C 196 -6.90 -11.77 12.93
N TYR C 197 -6.41 -12.90 13.48
CA TYR C 197 -6.82 -13.30 14.81
C TYR C 197 -6.49 -12.16 15.76
N ASN C 198 -5.31 -11.59 15.60
CA ASN C 198 -4.88 -10.45 16.42
C ASN C 198 -5.69 -9.19 16.12
N SER C 199 -6.25 -9.12 14.92
CA SER C 199 -7.08 -7.99 14.51
C SER C 199 -8.42 -8.04 15.23
N PHE C 200 -8.81 -9.21 15.72
CA PHE C 200 -10.10 -9.28 16.42
C PHE C 200 -10.08 -9.90 17.83
N ARG C 201 -8.89 -10.21 18.34
CA ARG C 201 -8.77 -10.85 19.66
C ARG C 201 -9.34 -10.00 20.79
N ASP C 202 -9.00 -8.72 20.82
CA ASP C 202 -9.41 -7.84 21.90
C ASP C 202 -10.93 -7.63 21.96
N PRO C 203 -11.57 -7.27 20.82
CA PRO C 203 -13.03 -7.16 20.90
C PRO C 203 -13.71 -8.46 21.30
N LEU C 204 -13.19 -9.61 20.83
CA LEU C 204 -13.78 -10.89 21.15
C LEU C 204 -13.65 -11.27 22.63
N HIS C 205 -12.44 -11.22 23.16
CA HIS C 205 -12.23 -11.55 24.58
C HIS C 205 -12.99 -10.58 25.49
N ALA C 206 -13.03 -9.32 25.10
CA ALA C 206 -13.81 -8.31 25.83
C ALA C 206 -15.29 -8.63 25.78
N ALA C 207 -15.79 -8.99 24.59
CA ALA C 207 -17.19 -9.35 24.42
C ALA C 207 -17.58 -10.58 25.24
N VAL C 208 -16.72 -11.59 25.23
CA VAL C 208 -17.00 -12.84 25.94
C VAL C 208 -16.95 -12.66 27.45
N ASN C 209 -15.92 -11.95 27.91
CA ASN C 209 -15.69 -11.76 29.34
C ASN C 209 -16.53 -10.64 29.98
N SER C 210 -17.20 -9.85 29.14
CA SER C 210 -18.07 -8.78 29.63
C SER C 210 -19.13 -9.36 30.57
N VAL C 211 -19.52 -8.58 31.57
CA VAL C 211 -20.45 -9.06 32.58
C VAL C 211 -21.84 -8.44 32.40
N PHE C 212 -21.95 -7.54 31.43
CA PHE C 212 -23.22 -6.88 31.15
C PHE C 212 -24.33 -7.86 30.78
N PHE C 213 -24.05 -8.77 29.84
CA PHE C 213 -25.06 -9.72 29.43
C PHE C 213 -24.87 -11.03 30.19
N PRO C 214 -25.84 -11.37 31.04
CA PRO C 214 -25.75 -12.48 32.00
C PRO C 214 -25.50 -13.83 31.35
N ASN C 215 -24.56 -14.60 31.91
CA ASN C 215 -24.20 -15.92 31.38
C ASN C 215 -25.34 -16.94 31.35
N ASP C 216 -26.17 -16.95 32.38
CA ASP C 216 -27.27 -17.91 32.44
C ASP C 216 -28.24 -17.72 31.27
N VAL C 217 -28.45 -16.45 30.91
CA VAL C 217 -29.29 -16.12 29.76
C VAL C 217 -28.60 -16.58 28.47
N ARG C 218 -27.30 -16.38 28.38
CA ARG C 218 -26.50 -16.87 27.25
C ARG C 218 -26.68 -18.37 27.05
N VAL C 219 -26.45 -19.14 28.11
CA VAL C 219 -26.57 -20.59 28.08
C VAL C 219 -27.97 -21.02 27.65
N LYS C 220 -28.98 -20.44 28.28
CA LYS C 220 -30.36 -20.78 27.94
C LYS C 220 -30.66 -20.51 26.47
N TRP C 221 -30.19 -19.37 25.99
CA TRP C 221 -30.44 -18.94 24.63
C TRP C 221 -29.76 -19.86 23.63
N LEU C 222 -28.50 -20.19 23.91
CA LEU C 222 -27.74 -21.12 23.06
C LEU C 222 -28.39 -22.50 23.02
N LYS C 223 -28.98 -22.91 24.13
CA LYS C 223 -29.70 -24.19 24.18
C LYS C 223 -30.95 -24.12 23.32
N ALA C 224 -31.68 -23.02 23.43
CA ALA C 224 -32.90 -22.83 22.65
C ALA C 224 -32.67 -22.89 21.13
N LYS C 225 -31.49 -22.43 20.70
CA LYS C 225 -31.17 -22.42 19.28
C LYS C 225 -30.45 -23.68 18.85
N GLY C 226 -30.23 -24.59 19.82
CA GLY C 226 -29.57 -25.85 19.54
C GLY C 226 -28.09 -25.72 19.25
N ILE C 227 -27.49 -24.59 19.62
CA ILE C 227 -26.04 -24.41 19.46
C ILE C 227 -25.33 -25.12 20.61
N LEU C 228 -25.97 -25.14 21.78
CA LEU C 228 -25.56 -26.01 22.86
C LEU C 228 -26.63 -27.08 23.05
N GLY C 229 -26.20 -28.30 23.35
CA GLY C 229 -27.12 -29.36 23.67
C GLY C 229 -27.70 -29.15 25.06
N PRO C 230 -28.69 -29.98 25.44
CA PRO C 230 -29.33 -29.98 26.76
C PRO C 230 -28.32 -30.34 27.85
N ASP C 231 -27.18 -30.85 27.44
CA ASP C 231 -26.12 -31.29 28.33
C ASP C 231 -25.13 -30.16 28.60
N GLY C 232 -25.19 -29.14 27.76
CA GLY C 232 -24.39 -27.95 27.93
C GLY C 232 -23.11 -27.97 27.10
N VAL C 233 -23.05 -28.90 26.14
CA VAL C 233 -21.89 -28.98 25.24
C VAL C 233 -22.31 -28.68 23.79
N PRO C 234 -21.39 -28.11 23.00
CA PRO C 234 -21.66 -27.65 21.64
C PRO C 234 -22.26 -28.68 20.69
N SER C 235 -23.15 -28.21 19.82
CA SER C 235 -23.75 -29.02 18.78
C SER C 235 -22.68 -29.48 17.79
N ARG C 236 -23.05 -30.41 16.92
CA ARG C 236 -22.11 -30.88 15.91
C ARG C 236 -21.66 -29.76 14.98
N ALA C 237 -22.56 -28.85 14.63
CA ALA C 237 -22.20 -27.73 13.77
C ALA C 237 -21.11 -26.87 14.43
N ALA C 238 -21.25 -26.66 15.73
CA ALA C 238 -20.26 -25.90 16.50
C ALA C 238 -18.90 -26.61 16.53
N GLU C 239 -18.91 -27.91 16.83
CA GLU C 239 -17.68 -28.71 16.84
C GLU C 239 -16.96 -28.74 15.50
N VAL C 240 -17.73 -28.98 14.43
CA VAL C 240 -17.19 -29.03 13.09
C VAL C 240 -16.61 -27.67 12.68
N ALA C 241 -17.32 -26.61 13.01
CA ALA C 241 -16.82 -25.26 12.73
C ALA C 241 -15.52 -24.98 13.48
N ALA C 242 -15.49 -25.36 14.75
CA ALA C 242 -14.28 -25.22 15.58
C ALA C 242 -13.09 -25.96 14.98
N ALA C 243 -13.30 -27.23 14.65
CA ALA C 243 -12.29 -28.05 14.00
C ALA C 243 -11.81 -27.40 12.71
N ALA C 244 -12.76 -26.86 11.94
CA ALA C 244 -12.44 -26.19 10.69
C ALA C 244 -11.58 -24.95 10.89
N TYR C 245 -11.79 -24.25 12.00
CA TYR C 245 -10.96 -23.08 12.28
C TYR C 245 -9.56 -23.50 12.73
N ARG C 246 -9.50 -24.51 13.59
CA ARG C 246 -8.21 -25.03 14.04
C ARG C 246 -7.37 -25.51 12.87
N ASN C 247 -8.00 -26.16 11.89
CA ASN C 247 -7.27 -26.67 10.74
C ASN C 247 -6.77 -25.61 9.76
N LEU C 248 -7.26 -24.38 9.94
CA LEU C 248 -6.89 -23.09 9.30
C LEU C 248 -8.08 -22.46 8.60
N SER D 5 -0.82 13.81 -45.16
CA SER D 5 -0.90 15.27 -45.01
C SER D 5 0.49 15.89 -45.04
N GLU D 6 0.59 17.12 -44.55
CA GLU D 6 1.87 17.81 -44.52
C GLU D 6 2.59 17.51 -43.21
N TRP D 7 1.81 17.33 -42.15
CA TRP D 7 2.38 16.97 -40.85
C TRP D 7 2.98 15.56 -40.84
N SER D 8 2.35 14.64 -41.56
CA SER D 8 2.89 13.30 -41.71
C SER D 8 4.18 13.39 -42.50
N ARG D 9 4.17 14.26 -43.51
CA ARG D 9 5.32 14.48 -44.38
C ARG D 9 6.51 15.02 -43.57
N ILE D 10 6.22 15.99 -42.71
CA ILE D 10 7.22 16.56 -41.80
C ILE D 10 7.76 15.52 -40.82
N ALA D 11 6.88 14.68 -40.26
CA ALA D 11 7.33 13.63 -39.35
C ALA D 11 8.28 12.65 -40.03
N VAL D 12 7.93 12.26 -41.26
CA VAL D 12 8.74 11.33 -42.03
C VAL D 12 10.11 11.93 -42.35
N GLU D 13 10.10 13.17 -42.83
CA GLU D 13 11.35 13.85 -43.18
C GLU D 13 12.22 14.04 -41.94
N PHE D 14 11.58 14.35 -40.82
CA PHE D 14 12.26 14.48 -39.54
C PHE D 14 12.96 13.16 -39.25
N GLY D 15 12.27 12.06 -39.53
CA GLY D 15 12.85 10.75 -39.31
C GLY D 15 13.86 10.35 -40.38
N GLU D 16 14.00 11.18 -41.41
CA GLU D 16 14.99 10.92 -42.44
C GLU D 16 16.34 11.56 -42.17
N GLN D 17 16.44 12.31 -41.08
CA GLN D 17 17.69 12.98 -40.74
C GLN D 17 18.74 12.00 -40.21
N GLN D 18 20.00 12.32 -40.47
CA GLN D 18 21.10 11.58 -39.87
C GLN D 18 21.22 12.02 -38.42
N LEU D 19 21.49 11.06 -37.53
CA LEU D 19 21.72 11.35 -36.13
C LEU D 19 23.11 11.92 -35.90
N ASN D 20 23.19 13.00 -35.12
CA ASN D 20 24.49 13.49 -34.67
C ASN D 20 24.79 12.77 -33.36
N LEU D 21 25.50 11.66 -33.46
CA LEU D 21 25.76 10.78 -32.31
C LEU D 21 26.40 11.50 -31.13
N THR D 22 27.39 12.33 -31.40
CA THR D 22 28.10 13.05 -30.34
C THR D 22 27.23 14.15 -29.68
N GLU D 23 26.51 14.90 -30.50
CA GLU D 23 25.60 15.92 -29.98
C GLU D 23 24.52 15.27 -29.12
N LEU D 24 24.09 14.08 -29.55
CA LEU D 24 23.12 13.29 -28.80
C LEU D 24 23.68 12.84 -27.47
N GLU D 25 24.90 12.30 -27.50
CA GLU D 25 25.55 11.84 -26.28
C GLU D 25 25.71 12.97 -25.26
N ASP D 26 26.09 14.15 -25.73
CA ASP D 26 26.12 15.31 -24.84
C ASP D 26 24.77 15.66 -24.26
N PHE D 27 23.74 15.66 -25.09
CA PHE D 27 22.40 15.94 -24.59
C PHE D 27 22.03 14.95 -23.48
N ALA D 28 22.34 13.68 -23.71
CA ALA D 28 22.04 12.63 -22.73
C ALA D 28 22.79 12.85 -21.43
N ARG D 29 24.08 13.18 -21.52
CA ARG D 29 24.85 13.47 -20.32
C ARG D 29 24.38 14.70 -19.55
N GLU D 30 24.05 15.77 -20.26
CA GLU D 30 23.51 16.98 -19.65
C GLU D 30 22.21 16.70 -18.90
N LEU D 31 21.43 15.76 -19.44
CA LEU D 31 20.10 15.47 -18.91
C LEU D 31 20.09 14.26 -17.98
N ALA D 32 21.23 13.58 -17.90
CA ALA D 32 21.33 12.36 -17.10
C ALA D 32 21.16 12.63 -15.62
N TYR D 33 20.86 11.59 -14.85
CA TYR D 33 20.71 11.72 -13.40
C TYR D 33 21.98 12.27 -12.76
N GLU D 34 21.82 13.27 -11.92
CA GLU D 34 22.91 13.81 -11.12
C GLU D 34 22.45 14.01 -9.69
N GLY D 35 23.14 13.33 -8.77
CA GLY D 35 22.77 13.36 -7.37
C GLY D 35 22.99 14.73 -6.76
N LEU D 36 24.10 15.36 -7.11
CA LEU D 36 24.44 16.64 -6.50
C LEU D 36 25.52 17.41 -7.26
N ASP D 37 25.57 18.71 -6.97
CA ASP D 37 26.67 19.57 -7.41
C ASP D 37 27.50 19.92 -6.18
N PRO D 38 28.59 19.18 -5.96
CA PRO D 38 29.46 19.34 -4.78
C PRO D 38 30.05 20.75 -4.68
N ALA D 39 30.43 21.32 -5.82
CA ALA D 39 30.97 22.67 -5.85
C ALA D 39 29.95 23.68 -5.32
N LEU D 40 28.70 23.49 -5.74
CA LEU D 40 27.60 24.34 -5.30
C LEU D 40 27.40 24.25 -3.78
N ILE D 41 27.44 23.03 -3.27
CA ILE D 41 27.23 22.78 -1.84
C ILE D 41 28.36 23.42 -1.02
N ILE D 42 29.60 23.17 -1.42
CA ILE D 42 30.76 23.69 -0.70
C ILE D 42 30.79 25.22 -0.74
N LYS D 43 30.53 25.77 -1.92
CA LYS D 43 30.46 27.22 -2.08
C LYS D 43 29.38 27.85 -1.20
N LYS D 44 28.20 27.24 -1.18
CA LYS D 44 27.11 27.74 -0.35
C LYS D 44 27.45 27.69 1.13
N LEU D 45 28.04 26.57 1.54
CA LEU D 45 28.45 26.38 2.93
C LEU D 45 29.47 27.43 3.35
N LYS D 46 30.49 27.61 2.52
CA LYS D 46 31.57 28.54 2.80
C LYS D 46 31.08 29.99 2.86
N GLU D 47 30.22 30.35 1.92
CA GLU D 47 29.64 31.69 1.88
C GLU D 47 28.69 31.97 3.04
N THR D 48 27.98 30.94 3.49
CA THR D 48 26.99 31.12 4.55
C THR D 48 27.64 31.13 5.94
N GLY D 49 28.57 30.20 6.15
CA GLY D 49 29.17 30.01 7.46
C GLY D 49 30.45 30.79 7.71
N GLY D 50 31.09 31.23 6.63
CA GLY D 50 32.35 31.95 6.76
C GLY D 50 33.47 30.99 7.18
N ASP D 51 34.34 31.42 8.08
CA ASP D 51 35.44 30.59 8.55
C ASP D 51 34.99 29.38 9.38
N ASP D 52 33.78 29.48 9.93
CA ASP D 52 33.19 28.47 10.80
C ASP D 52 32.69 27.22 10.05
N TRP D 53 32.69 27.32 8.72
CA TRP D 53 32.07 26.31 7.87
C TRP D 53 32.74 24.95 7.99
N VAL D 54 34.05 24.95 8.24
CA VAL D 54 34.78 23.70 8.39
C VAL D 54 34.27 22.90 9.60
N LYS D 55 34.25 23.52 10.78
CA LYS D 55 33.77 22.84 12.00
C LYS D 55 32.31 22.39 11.81
N ASP D 56 31.48 23.32 11.36
CA ASP D 56 30.07 23.01 11.18
C ASP D 56 29.89 21.81 10.26
N THR D 57 30.60 21.84 9.14
CA THR D 57 30.51 20.80 8.13
C THR D 57 30.92 19.44 8.70
N LYS D 58 32.00 19.41 9.47
CA LYS D 58 32.40 18.13 10.07
C LYS D 58 31.30 17.58 10.98
N PHE D 59 30.73 18.44 11.81
CA PHE D 59 29.63 18.00 12.68
C PHE D 59 28.44 17.47 11.87
N ILE D 60 28.05 18.24 10.86
CA ILE D 60 26.97 17.88 9.94
C ILE D 60 27.22 16.52 9.28
N ILE D 61 28.47 16.26 8.89
CA ILE D 61 28.84 15.02 8.23
C ILE D 61 28.74 13.84 9.20
N VAL D 62 29.16 14.04 10.44
CA VAL D 62 29.00 12.99 11.45
C VAL D 62 27.51 12.65 11.62
N PHE D 63 26.68 13.69 11.63
CA PHE D 63 25.23 13.48 11.69
C PHE D 63 24.70 12.69 10.50
N ALA D 64 25.16 13.05 9.30
CA ALA D 64 24.73 12.35 8.09
C ALA D 64 25.11 10.88 8.14
N LEU D 65 26.35 10.61 8.56
CA LEU D 65 26.85 9.24 8.66
C LEU D 65 26.09 8.38 9.65
N THR D 66 25.73 8.98 10.80
CA THR D 66 25.16 8.17 11.88
C THR D 66 23.64 8.15 11.96
N ARG D 67 23.00 9.16 11.38
CA ARG D 67 21.56 9.34 11.56
C ARG D 67 20.84 9.59 10.24
N GLY D 68 21.59 10.00 9.22
CA GLY D 68 21.00 10.26 7.92
C GLY D 68 20.56 11.69 7.71
N ASN D 69 19.45 11.86 7.04
CA ASN D 69 18.94 13.15 6.70
C ASN D 69 17.82 13.71 7.51
N LYS D 70 17.20 12.93 8.36
CA LYS D 70 15.99 13.37 9.01
C LYS D 70 16.29 14.17 10.26
N ILE D 71 16.51 15.46 10.08
CA ILE D 71 16.98 16.32 11.14
C ILE D 71 16.04 16.45 12.34
N VAL D 72 14.79 16.69 12.10
CA VAL D 72 13.82 16.93 13.18
C VAL D 72 13.62 15.67 14.02
N LYS D 73 13.30 14.58 13.34
CA LYS D 73 13.08 13.29 13.97
C LYS D 73 14.25 12.85 14.84
N ALA D 74 15.47 13.03 14.32
CA ALA D 74 16.66 12.64 15.04
C ALA D 74 16.95 13.57 16.21
N SER D 75 16.66 14.85 16.02
CA SER D 75 16.87 15.86 17.06
C SER D 75 15.95 15.60 18.25
N GLY D 76 14.84 14.95 18.04
CA GLY D 76 13.99 14.49 19.11
C GLY D 76 14.56 13.32 19.88
N LYS D 77 15.54 12.65 19.30
CA LYS D 77 16.07 11.43 19.84
C LYS D 77 17.57 11.41 19.92
N MET D 78 18.11 12.36 20.64
CA MET D 78 19.52 12.47 20.88
C MET D 78 19.76 13.33 22.10
N SER D 79 20.99 13.41 22.54
CA SER D 79 21.38 14.24 23.68
C SER D 79 20.97 15.69 23.45
N ASN D 80 20.85 16.47 24.52
CA ASN D 80 20.45 17.86 24.42
C ASN D 80 21.42 18.72 23.61
N SER D 81 22.71 18.63 23.92
CA SER D 81 23.71 19.42 23.22
C SER D 81 23.71 19.11 21.72
N GLY D 82 23.68 17.82 21.40
CA GLY D 82 23.61 17.37 20.02
C GLY D 82 22.42 17.96 19.29
N SER D 83 21.24 17.82 19.88
CA SER D 83 20.00 18.33 19.31
C SER D 83 20.06 19.85 19.09
N LYS D 84 20.54 20.56 20.11
CA LYS D 84 20.62 22.01 20.09
C LYS D 84 21.50 22.48 18.95
N ARG D 85 22.69 21.91 18.87
CA ARG D 85 23.61 22.30 17.81
C ARG D 85 23.12 21.89 16.42
N LEU D 86 22.42 20.76 16.35
CA LEU D 86 21.88 20.30 15.08
C LEU D 86 20.82 21.26 14.55
N MET D 87 19.88 21.63 15.40
CA MET D 87 18.84 22.60 15.02
C MET D 87 19.45 23.95 14.68
N ALA D 88 20.44 24.37 15.48
CA ALA D 88 21.14 25.63 15.23
C ALA D 88 21.79 25.64 13.85
N LEU D 89 22.44 24.53 13.50
CA LEU D 89 23.08 24.42 12.20
C LEU D 89 22.06 24.35 11.06
N GLN D 90 20.92 23.70 11.30
CA GLN D 90 19.85 23.69 10.31
C GLN D 90 19.44 25.12 10.01
N GLU D 91 19.16 25.88 11.07
CA GLU D 91 18.76 27.27 10.92
C GLU D 91 19.82 28.10 10.21
N LYS D 92 21.07 27.88 10.60
CA LYS D 92 22.22 28.59 10.09
C LYS D 92 22.49 28.39 8.60
N TYR D 93 22.35 27.14 8.13
CA TYR D 93 22.69 26.80 6.76
C TYR D 93 21.46 26.52 5.90
N GLY D 94 20.29 26.61 6.50
CA GLY D 94 19.06 26.30 5.79
C GLY D 94 19.05 24.85 5.36
N LEU D 95 19.45 23.96 6.26
CA LEU D 95 19.48 22.54 5.95
C LEU D 95 18.08 21.98 5.77
N VAL D 96 17.92 21.13 4.77
CA VAL D 96 16.66 20.43 4.57
C VAL D 96 16.87 18.92 4.59
N GLU D 97 15.77 18.19 4.73
CA GLU D 97 15.82 16.75 4.95
C GLU D 97 15.71 15.98 3.64
N ARG D 98 15.24 16.65 2.60
CA ARG D 98 15.04 15.98 1.32
C ARG D 98 15.55 16.85 0.17
N ALA D 99 16.29 16.24 -0.74
CA ALA D 99 16.83 16.92 -1.91
C ALA D 99 15.81 16.93 -3.05
N GLU D 100 15.22 18.10 -3.27
CA GLU D 100 14.21 18.27 -4.32
C GLU D 100 14.76 19.14 -5.44
N THR D 101 15.78 19.92 -5.12
CA THR D 101 16.29 20.93 -6.03
C THR D 101 17.84 20.88 -6.04
N ARG D 102 18.47 21.49 -7.05
CA ARG D 102 19.93 21.50 -7.13
C ARG D 102 20.59 22.26 -5.97
N LEU D 103 19.82 23.16 -5.36
CA LEU D 103 20.28 23.99 -4.27
C LEU D 103 20.02 23.38 -2.89
N SER D 104 19.20 22.34 -2.84
CA SER D 104 18.83 21.72 -1.56
C SER D 104 20.08 21.20 -0.84
N ILE D 105 20.24 21.60 0.41
CA ILE D 105 21.38 21.16 1.21
C ILE D 105 20.95 20.19 2.28
N THR D 106 21.20 18.91 2.02
CA THR D 106 20.92 17.85 2.99
C THR D 106 22.27 17.47 3.58
N PRO D 107 22.27 16.92 4.81
CA PRO D 107 23.51 16.43 5.43
C PRO D 107 24.26 15.44 4.53
N VAL D 108 23.53 14.52 3.92
CA VAL D 108 24.12 13.51 3.05
C VAL D 108 24.81 14.14 1.84
N ARG D 109 24.23 15.20 1.30
CA ARG D 109 24.86 15.90 0.19
C ARG D 109 26.19 16.56 0.59
N VAL D 110 26.23 17.08 1.82
CA VAL D 110 27.47 17.61 2.38
C VAL D 110 28.54 16.52 2.49
N ALA D 111 28.13 15.40 3.08
CA ALA D 111 29.03 14.26 3.26
C ALA D 111 29.59 13.79 1.92
N GLN D 112 28.72 13.75 0.91
CA GLN D 112 29.12 13.35 -0.43
C GLN D 112 29.98 14.43 -1.10
N SER D 113 29.85 15.67 -0.65
CA SER D 113 30.63 16.77 -1.19
C SER D 113 32.07 16.72 -0.66
N LEU D 114 32.26 16.08 0.49
CA LEU D 114 33.62 15.93 1.01
C LEU D 114 33.99 14.47 1.27
N PRO D 115 34.09 13.66 0.20
CA PRO D 115 34.13 12.20 0.28
C PRO D 115 35.38 11.60 0.94
N THR D 116 36.55 12.19 0.70
CA THR D 116 37.78 11.69 1.32
C THR D 116 37.72 11.88 2.84
N TRP D 117 37.16 12.99 3.27
CA TRP D 117 36.97 13.22 4.70
C TRP D 117 35.88 12.31 5.28
N THR D 118 34.71 12.32 4.64
CA THR D 118 33.57 11.52 5.07
C THR D 118 33.90 10.04 5.24
N CYS D 119 34.64 9.49 4.27
CA CYS D 119 34.99 8.07 4.30
C CYS D 119 36.03 7.77 5.38
N ALA D 120 36.94 8.71 5.61
CA ALA D 120 37.92 8.57 6.69
C ALA D 120 37.22 8.62 8.05
N ALA D 121 36.30 9.57 8.21
CA ALA D 121 35.53 9.70 9.44
C ALA D 121 34.65 8.49 9.69
N ALA D 122 34.09 7.94 8.61
CA ALA D 122 33.22 6.77 8.71
C ALA D 122 34.04 5.58 9.21
N ALA D 123 35.26 5.47 8.70
CA ALA D 123 36.17 4.41 9.12
C ALA D 123 36.56 4.55 10.59
N ALA D 124 36.80 5.78 11.02
CA ALA D 124 37.12 6.04 12.42
C ALA D 124 35.92 5.76 13.33
N LEU D 125 34.72 5.97 12.80
CA LEU D 125 33.49 5.82 13.56
C LEU D 125 32.71 4.52 13.24
N LYS D 126 33.43 3.45 12.94
CA LYS D 126 32.82 2.17 12.55
C LYS D 126 31.62 1.74 13.40
N GLU D 127 31.79 1.84 14.71
CA GLU D 127 30.81 1.36 15.68
C GLU D 127 29.51 2.15 15.75
N TYR D 128 29.48 3.34 15.15
CA TYR D 128 28.33 4.21 15.24
C TYR D 128 27.48 4.18 13.98
N LEU D 129 27.94 3.44 12.98
CA LEU D 129 27.27 3.39 11.69
C LEU D 129 26.03 2.49 11.76
N PRO D 130 24.97 2.87 11.03
CA PRO D 130 23.73 2.07 10.96
C PRO D 130 24.00 0.71 10.32
N VAL D 131 24.80 0.70 9.25
CA VAL D 131 25.23 -0.54 8.63
C VAL D 131 26.76 -0.60 8.64
N GLY D 132 27.31 -1.24 9.66
CA GLY D 132 28.75 -1.30 9.83
C GLY D 132 29.27 -2.72 9.90
N PRO D 133 30.40 -2.91 10.59
CA PRO D 133 31.11 -4.18 10.73
C PRO D 133 30.22 -5.31 11.24
N ALA D 134 29.25 -5.00 12.09
CA ALA D 134 28.31 -6.01 12.58
C ALA D 134 27.61 -6.71 11.41
N VAL D 135 27.05 -5.91 10.50
CA VAL D 135 26.38 -6.43 9.30
C VAL D 135 27.38 -7.00 8.28
N MET D 136 28.46 -6.29 8.03
CA MET D 136 29.39 -6.66 6.96
C MET D 136 30.20 -7.93 7.24
N ASN D 137 30.64 -8.09 8.49
CA ASN D 137 31.40 -9.26 8.91
C ASN D 137 30.63 -10.56 8.69
N LEU D 138 29.32 -10.49 8.75
CA LEU D 138 28.45 -11.64 8.52
C LEU D 138 28.55 -12.10 7.07
N LYS D 139 28.80 -11.15 6.17
CA LYS D 139 28.83 -11.42 4.75
C LYS D 139 30.21 -11.77 4.19
N VAL D 140 31.26 -11.20 4.78
CA VAL D 140 32.58 -11.29 4.18
C VAL D 140 33.65 -10.92 5.22
N GLU D 141 34.87 -11.40 5.00
CA GLU D 141 35.97 -11.08 5.90
C GLU D 141 36.58 -9.74 5.54
N ASN D 142 36.83 -8.94 6.57
CA ASN D 142 37.64 -7.74 6.45
C ASN D 142 37.10 -6.68 5.48
N TYR D 143 35.79 -6.46 5.46
CA TYR D 143 35.23 -5.42 4.59
C TYR D 143 35.82 -4.06 4.98
N PRO D 144 36.34 -3.33 3.99
CA PRO D 144 36.97 -2.03 4.24
C PRO D 144 35.98 -1.03 4.83
N PRO D 145 36.30 -0.46 6.01
CA PRO D 145 35.38 0.42 6.73
C PRO D 145 35.09 1.71 5.98
N GLU D 146 36.03 2.13 5.14
CA GLU D 146 35.87 3.32 4.32
C GLU D 146 34.73 3.17 3.31
N MET D 147 34.38 1.92 3.05
CA MET D 147 33.37 1.60 2.09
C MET D 147 31.97 1.66 2.66
N MET D 148 31.88 1.91 3.95
CA MET D 148 30.65 1.72 4.68
C MET D 148 29.80 2.97 4.75
N CYS D 149 30.01 3.89 3.82
CA CYS D 149 29.24 5.11 3.74
C CYS D 149 28.82 5.51 2.32
N MET D 150 27.83 6.38 2.19
CA MET D 150 27.29 6.83 0.90
C MET D 150 28.29 7.61 0.06
N ALA D 151 29.41 7.99 0.67
CA ALA D 151 30.38 8.86 -0.01
C ALA D 151 31.42 8.07 -0.80
N PHE D 152 31.54 6.78 -0.55
CA PHE D 152 32.62 5.99 -1.16
C PHE D 152 32.55 5.86 -2.68
N GLY D 153 31.35 5.91 -3.24
CA GLY D 153 31.16 5.81 -4.68
C GLY D 153 31.97 6.83 -5.46
N SER D 154 32.09 8.03 -4.90
CA SER D 154 32.83 9.12 -5.52
C SER D 154 34.33 8.86 -5.59
N LEU D 155 34.81 7.90 -4.81
CA LEU D 155 36.24 7.63 -4.73
C LEU D 155 36.68 6.48 -5.64
N ILE D 156 35.72 5.91 -6.36
CA ILE D 156 36.03 4.85 -7.32
C ILE D 156 36.49 5.47 -8.63
N PRO D 157 37.72 5.16 -9.04
CA PRO D 157 38.37 5.75 -10.21
C PRO D 157 37.94 5.10 -11.52
N THR D 158 37.84 5.90 -12.57
CA THR D 158 37.49 5.40 -13.90
C THR D 158 38.72 5.46 -14.81
N ALA D 159 39.84 5.93 -14.26
CA ALA D 159 41.04 6.18 -15.04
C ALA D 159 42.28 6.10 -14.14
N GLY D 160 43.37 5.58 -14.70
CA GLY D 160 44.59 5.38 -13.93
C GLY D 160 44.60 3.98 -13.35
N VAL D 161 43.50 3.27 -13.58
CA VAL D 161 43.37 1.87 -13.21
C VAL D 161 42.65 1.15 -14.36
N SER D 162 42.75 -0.17 -14.39
CA SER D 162 42.03 -0.93 -15.41
C SER D 162 40.54 -0.89 -15.12
N GLU D 163 39.73 -1.08 -16.16
CA GLU D 163 38.29 -1.10 -16.02
C GLU D 163 37.82 -2.30 -15.19
N ALA D 164 38.68 -3.32 -15.11
CA ALA D 164 38.38 -4.50 -14.29
C ALA D 164 38.46 -4.08 -12.83
N THR D 165 39.44 -3.24 -12.50
CA THR D 165 39.53 -2.66 -11.16
C THR D 165 38.29 -1.85 -10.81
N THR D 166 37.89 -0.96 -11.72
CA THR D 166 36.71 -0.13 -11.51
C THR D 166 35.48 -0.98 -11.25
N LYS D 167 35.28 -1.99 -12.08
CA LYS D 167 34.14 -2.90 -11.94
C LYS D 167 34.17 -3.63 -10.61
N THR D 168 35.35 -4.17 -10.27
CA THR D 168 35.56 -4.90 -9.03
C THR D 168 35.21 -4.07 -7.79
N LEU D 169 35.80 -2.87 -7.74
CA LEU D 169 35.51 -1.92 -6.67
C LEU D 169 34.03 -1.63 -6.58
N MET D 170 33.40 -1.42 -7.73
CA MET D 170 31.96 -1.14 -7.77
C MET D 170 31.13 -2.32 -7.25
N GLU D 171 31.59 -3.54 -7.44
CA GLU D 171 30.88 -4.72 -6.94
C GLU D 171 31.06 -4.85 -5.41
N ALA D 172 32.29 -4.64 -4.96
CA ALA D 172 32.61 -4.67 -3.54
C ALA D 172 31.76 -3.64 -2.79
N TYR D 173 31.72 -2.43 -3.33
CA TYR D 173 30.90 -1.37 -2.77
C TYR D 173 29.42 -1.70 -2.90
N SER D 174 29.06 -2.40 -3.98
CA SER D 174 27.68 -2.82 -4.20
C SER D 174 27.19 -3.74 -3.10
N LEU D 175 28.10 -4.48 -2.48
CA LEU D 175 27.73 -5.29 -1.31
C LEU D 175 27.17 -4.41 -0.18
N TRP D 176 27.91 -3.36 0.17
CA TRP D 176 27.46 -2.42 1.20
C TRP D 176 26.21 -1.67 0.78
N GLN D 177 26.19 -1.19 -0.47
CA GLN D 177 25.03 -0.45 -0.96
C GLN D 177 23.77 -1.30 -0.88
N ASP D 178 23.91 -2.59 -1.20
CA ASP D 178 22.80 -3.54 -1.08
C ASP D 178 22.31 -3.66 0.34
N ALA D 179 23.22 -3.99 1.25
CA ALA D 179 22.82 -4.15 2.64
C ALA D 179 22.18 -2.88 3.20
N PHE D 180 22.80 -1.74 2.90
CA PHE D 180 22.35 -0.43 3.39
C PHE D 180 20.96 -0.14 2.89
N THR D 181 20.77 -0.31 1.58
CA THR D 181 19.47 -0.09 0.95
C THR D 181 18.39 -0.93 1.61
N LYS D 182 18.66 -2.21 1.85
CA LYS D 182 17.65 -3.02 2.53
C LYS D 182 17.36 -2.60 3.99
N THR D 183 18.38 -2.26 4.76
CA THR D 183 18.17 -1.92 6.18
C THR D 183 17.62 -0.53 6.45
N ILE D 184 17.75 0.40 5.51
CA ILE D 184 17.31 1.77 5.78
C ILE D 184 15.94 2.06 5.19
N ASN D 185 15.58 1.33 4.13
CA ASN D 185 14.33 1.59 3.43
C ASN D 185 13.18 0.80 4.07
N GLY D 190 11.15 -7.44 1.13
CA GLY D 190 12.21 -8.20 0.48
C GLY D 190 12.08 -8.22 -1.02
N ALA D 191 12.95 -7.46 -1.68
CA ALA D 191 12.89 -7.31 -3.14
C ALA D 191 14.11 -8.00 -3.74
N SER D 192 14.07 -8.26 -5.05
CA SER D 192 15.15 -8.99 -5.69
C SER D 192 16.47 -8.23 -5.61
N LYS D 193 17.58 -8.94 -5.79
CA LYS D 193 18.90 -8.34 -5.83
C LYS D 193 18.97 -7.24 -6.88
N THR D 194 18.45 -7.54 -8.06
CA THR D 194 18.49 -6.63 -9.20
C THR D 194 17.61 -5.41 -8.98
N GLU D 195 16.50 -5.60 -8.30
CA GLU D 195 15.56 -4.52 -8.00
C GLU D 195 16.20 -3.46 -7.11
N VAL D 196 16.91 -3.95 -6.08
CA VAL D 196 17.60 -3.08 -5.15
C VAL D 196 18.83 -2.47 -5.82
N TYR D 197 19.49 -3.24 -6.69
CA TYR D 197 20.61 -2.72 -7.46
C TYR D 197 20.11 -1.53 -8.24
N ASN D 198 18.91 -1.67 -8.80
CA ASN D 198 18.27 -0.62 -9.56
C ASN D 198 17.85 0.56 -8.68
N SER D 199 17.67 0.32 -7.39
CA SER D 199 17.33 1.41 -6.47
C SER D 199 18.50 2.38 -6.21
N PHE D 200 19.72 1.92 -6.49
CA PHE D 200 20.92 2.74 -6.25
C PHE D 200 21.89 2.84 -7.45
N ARG D 201 21.50 2.28 -8.58
CA ARG D 201 22.36 2.26 -9.77
C ARG D 201 22.70 3.66 -10.27
N ASP D 202 21.69 4.50 -10.38
CA ASP D 202 21.85 5.84 -10.93
C ASP D 202 22.71 6.77 -10.06
N PRO D 203 22.41 6.87 -8.75
CA PRO D 203 23.31 7.68 -7.92
C PRO D 203 24.75 7.16 -7.95
N LEU D 204 24.92 5.84 -8.00
CA LEU D 204 26.26 5.25 -8.02
C LEU D 204 27.05 5.56 -9.29
N HIS D 205 26.48 5.29 -10.46
CA HIS D 205 27.15 5.60 -11.72
C HIS D 205 27.45 7.08 -11.84
N ALA D 206 26.52 7.89 -11.36
CA ALA D 206 26.69 9.34 -11.35
C ALA D 206 27.88 9.74 -10.47
N ALA D 207 27.96 9.16 -9.28
CA ALA D 207 29.05 9.42 -8.36
C ALA D 207 30.41 9.01 -8.92
N VAL D 208 30.47 7.83 -9.54
CA VAL D 208 31.72 7.28 -10.07
C VAL D 208 32.19 8.07 -11.29
N ASN D 209 31.25 8.40 -12.18
CA ASN D 209 31.57 9.09 -13.43
C ASN D 209 31.80 10.60 -13.30
N SER D 210 31.44 11.17 -12.15
CA SER D 210 31.64 12.60 -11.91
C SER D 210 33.11 12.99 -12.07
N VAL D 211 33.34 14.20 -12.55
CA VAL D 211 34.70 14.69 -12.82
C VAL D 211 35.13 15.70 -11.77
N PHE D 212 34.23 15.99 -10.83
CA PHE D 212 34.53 16.94 -9.76
C PHE D 212 35.72 16.50 -8.91
N PHE D 213 35.71 15.25 -8.48
CA PHE D 213 36.80 14.75 -7.65
C PHE D 213 37.81 13.97 -8.49
N PRO D 214 39.04 14.48 -8.56
CA PRO D 214 40.10 14.03 -9.46
C PRO D 214 40.45 12.56 -9.25
N ASN D 215 40.59 11.82 -10.36
CA ASN D 215 40.89 10.40 -10.31
C ASN D 215 42.23 10.06 -9.64
N ASP D 216 43.25 10.87 -9.92
CA ASP D 216 44.59 10.61 -9.37
C ASP D 216 44.58 10.69 -7.85
N VAL D 217 43.78 11.61 -7.32
CA VAL D 217 43.61 11.74 -5.88
C VAL D 217 42.89 10.51 -5.34
N ARG D 218 41.87 10.05 -6.07
CA ARG D 218 41.15 8.84 -5.71
C ARG D 218 42.08 7.63 -5.57
N VAL D 219 42.82 7.34 -6.64
CA VAL D 219 43.75 6.20 -6.65
C VAL D 219 44.79 6.35 -5.55
N LYS D 220 45.38 7.54 -5.41
CA LYS D 220 46.39 7.78 -4.39
C LYS D 220 45.81 7.47 -3.00
N TRP D 221 44.56 7.90 -2.79
CA TRP D 221 43.89 7.75 -1.51
C TRP D 221 43.57 6.28 -1.22
N LEU D 222 43.03 5.58 -2.21
CA LEU D 222 42.73 4.16 -2.10
C LEU D 222 44.00 3.35 -1.83
N LYS D 223 45.11 3.81 -2.40
CA LYS D 223 46.40 3.17 -2.19
C LYS D 223 46.85 3.39 -0.75
N ALA D 224 46.72 4.62 -0.29
CA ALA D 224 47.08 4.99 1.08
C ALA D 224 46.27 4.20 2.11
N LYS D 225 45.03 3.89 1.76
CA LYS D 225 44.15 3.14 2.66
C LYS D 225 44.28 1.65 2.40
N GLY D 226 45.14 1.31 1.44
CA GLY D 226 45.40 -0.09 1.10
C GLY D 226 44.26 -0.81 0.40
N ILE D 227 43.31 -0.06 -0.15
CA ILE D 227 42.21 -0.66 -0.89
C ILE D 227 42.69 -1.00 -2.31
N LEU D 228 43.58 -0.16 -2.84
CA LEU D 228 44.36 -0.53 -4.02
C LEU D 228 45.79 -0.69 -3.56
N GLY D 229 46.49 -1.68 -4.09
CA GLY D 229 47.90 -1.86 -3.82
C GLY D 229 48.72 -0.80 -4.51
N PRO D 230 50.05 -0.79 -4.26
CA PRO D 230 51.01 0.10 -4.89
C PRO D 230 51.03 -0.16 -6.40
N ASP D 231 50.39 -1.28 -6.76
CA ASP D 231 50.32 -1.77 -8.12
C ASP D 231 49.09 -1.29 -8.88
N GLY D 232 48.10 -0.84 -8.12
CA GLY D 232 46.88 -0.27 -8.70
C GLY D 232 45.76 -1.28 -8.87
N VAL D 233 45.88 -2.45 -8.26
CA VAL D 233 44.83 -3.47 -8.33
C VAL D 233 44.22 -3.73 -6.94
N PRO D 234 42.92 -4.10 -6.90
CA PRO D 234 42.19 -4.29 -5.64
C PRO D 234 42.85 -5.28 -4.67
N SER D 235 42.77 -4.96 -3.38
CA SER D 235 43.28 -5.82 -2.32
C SER D 235 42.53 -7.14 -2.25
N ARG D 236 43.07 -8.08 -1.48
CA ARG D 236 42.43 -9.39 -1.31
C ARG D 236 41.03 -9.25 -0.72
N ALA D 237 40.89 -8.37 0.26
CA ALA D 237 39.61 -8.09 0.88
C ALA D 237 38.63 -7.53 -0.15
N ALA D 238 39.13 -6.66 -1.02
CA ALA D 238 38.33 -6.07 -2.08
C ALA D 238 37.85 -7.11 -3.08
N GLU D 239 38.77 -7.96 -3.53
CA GLU D 239 38.44 -9.04 -4.46
C GLU D 239 37.40 -9.99 -3.86
N VAL D 240 37.62 -10.40 -2.62
CA VAL D 240 36.68 -11.30 -1.92
C VAL D 240 35.31 -10.65 -1.73
N ALA D 241 35.28 -9.37 -1.37
CA ALA D 241 34.00 -8.66 -1.21
C ALA D 241 33.24 -8.58 -2.54
N ALA D 242 33.96 -8.28 -3.60
CA ALA D 242 33.39 -8.24 -4.95
C ALA D 242 32.79 -9.60 -5.31
N ALA D 243 33.58 -10.66 -5.11
CA ALA D 243 33.14 -12.02 -5.34
C ALA D 243 31.88 -12.32 -4.53
N ALA D 244 31.86 -11.83 -3.30
CA ALA D 244 30.74 -12.01 -2.40
C ALA D 244 29.48 -11.34 -2.94
N TYR D 245 29.63 -10.24 -3.67
CA TYR D 245 28.46 -9.61 -4.31
C TYR D 245 28.10 -10.24 -5.65
N ARG D 246 29.09 -10.66 -6.42
CA ARG D 246 28.82 -11.30 -7.69
C ARG D 246 28.00 -12.53 -7.39
N ASN D 247 28.33 -13.15 -6.27
CA ASN D 247 27.78 -14.41 -5.85
C ASN D 247 26.47 -14.24 -5.14
N LEU D 248 25.94 -13.03 -5.23
CA LEU D 248 24.65 -12.64 -4.71
C LEU D 248 24.89 -12.06 -3.36
N ALA E 3 45.47 20.44 -12.22
CA ALA E 3 44.49 20.92 -13.16
C ALA E 3 43.09 20.76 -12.60
N MET E 4 42.78 21.48 -11.54
CA MET E 4 41.50 21.33 -10.86
C MET E 4 40.90 22.67 -10.46
N SER E 5 39.59 22.69 -10.30
CA SER E 5 38.83 23.87 -9.96
C SER E 5 39.06 24.32 -8.54
N GLU E 6 38.65 25.52 -8.19
CA GLU E 6 38.82 26.02 -6.85
C GLU E 6 38.11 25.17 -5.81
N TRP E 7 36.90 24.76 -6.12
CA TRP E 7 36.09 24.01 -5.21
C TRP E 7 36.61 22.62 -5.01
N SER E 8 37.15 22.04 -6.06
CA SER E 8 37.77 20.72 -6.04
C SER E 8 39.02 20.73 -5.17
N ARG E 9 39.81 21.79 -5.28
CA ARG E 9 41.03 21.92 -4.50
C ARG E 9 40.65 21.97 -3.03
N ILE E 10 39.60 22.74 -2.74
CA ILE E 10 39.06 22.82 -1.38
C ILE E 10 38.61 21.45 -0.86
N ALA E 11 37.92 20.68 -1.69
CA ALA E 11 37.46 19.35 -1.30
C ALA E 11 38.63 18.42 -0.96
N VAL E 12 39.65 18.44 -1.81
CA VAL E 12 40.83 17.59 -1.61
C VAL E 12 41.57 17.98 -0.33
N GLU E 13 41.79 19.28 -0.14
CA GLU E 13 42.49 19.76 1.05
C GLU E 13 41.70 19.42 2.31
N PHE E 14 40.38 19.56 2.22
CA PHE E 14 39.48 19.18 3.31
C PHE E 14 39.69 17.71 3.66
N GLY E 15 39.82 16.88 2.64
CA GLY E 15 40.03 15.47 2.87
C GLY E 15 41.45 15.10 3.27
N GLU E 16 42.36 16.08 3.21
CA GLU E 16 43.74 15.83 3.64
C GLU E 16 43.99 16.21 5.12
N GLN E 17 42.96 16.70 5.80
CA GLN E 17 43.09 17.08 7.20
C GLN E 17 43.21 15.86 8.12
N GLN E 18 43.89 16.05 9.25
CA GLN E 18 43.95 15.03 10.28
C GLN E 18 42.61 14.95 11.03
N LEU E 19 42.19 13.74 11.35
CA LEU E 19 40.99 13.55 12.14
C LEU E 19 41.32 13.82 13.61
N ASN E 20 40.49 14.62 14.26
CA ASN E 20 40.57 14.78 15.71
C ASN E 20 39.66 13.73 16.30
N LEU E 21 40.24 12.56 16.60
CA LEU E 21 39.49 11.38 17.02
C LEU E 21 38.59 11.64 18.22
N THR E 22 39.10 12.38 19.21
CA THR E 22 38.35 12.64 20.43
C THR E 22 37.12 13.51 20.15
N GLU E 23 37.29 14.58 19.39
CA GLU E 23 36.15 15.40 19.00
C GLU E 23 35.14 14.62 18.14
N LEU E 24 35.63 13.68 17.33
CA LEU E 24 34.75 12.83 16.52
C LEU E 24 33.90 11.90 17.38
N GLU E 25 34.54 11.19 18.32
CA GLU E 25 33.81 10.31 19.22
C GLU E 25 32.80 11.11 20.02
N ASP E 26 33.20 12.30 20.44
CA ASP E 26 32.27 13.21 21.13
C ASP E 26 31.06 13.57 20.26
N PHE E 27 31.30 13.91 18.99
CA PHE E 27 30.20 14.21 18.07
C PHE E 27 29.26 13.03 17.90
N ALA E 28 29.84 11.85 17.71
CA ALA E 28 29.06 10.63 17.52
C ALA E 28 28.17 10.35 18.73
N ARG E 29 28.75 10.48 19.92
CA ARG E 29 28.00 10.33 21.16
C ARG E 29 26.89 11.38 21.34
N GLU E 30 27.20 12.63 21.01
CA GLU E 30 26.20 13.71 21.06
C GLU E 30 25.03 13.44 20.11
N LEU E 31 25.35 12.83 18.97
CA LEU E 31 24.37 12.65 17.90
C LEU E 31 23.73 11.27 17.90
N ALA E 32 24.22 10.38 18.75
CA ALA E 32 23.73 9.01 18.77
C ALA E 32 22.28 8.94 19.24
N TYR E 33 21.61 7.84 18.92
CA TYR E 33 20.22 7.65 19.31
C TYR E 33 20.02 7.71 20.82
N GLU E 34 19.04 8.49 21.25
CA GLU E 34 18.62 8.55 22.64
C GLU E 34 17.11 8.50 22.70
N GLY E 35 16.58 7.48 23.38
CA GLY E 35 15.14 7.28 23.44
C GLY E 35 14.43 8.37 24.22
N LEU E 36 15.03 8.76 25.35
CA LEU E 36 14.38 9.71 26.24
C LEU E 36 15.36 10.31 27.25
N ASP E 37 14.95 11.41 27.86
CA ASP E 37 15.64 11.97 29.00
C ASP E 37 14.77 11.73 30.24
N PRO E 38 15.06 10.64 30.98
CA PRO E 38 14.29 10.23 32.16
C PRO E 38 14.24 11.32 33.23
N ALA E 39 15.36 11.99 33.44
CA ALA E 39 15.44 13.07 34.44
C ALA E 39 14.48 14.20 34.12
N LEU E 40 14.42 14.56 32.84
CA LEU E 40 13.52 15.60 32.36
C LEU E 40 12.06 15.21 32.59
N ILE E 41 11.74 13.96 32.32
CA ILE E 41 10.39 13.43 32.49
C ILE E 41 9.97 13.45 33.95
N ILE E 42 10.83 12.89 34.81
CA ILE E 42 10.56 12.78 36.24
C ILE E 42 10.44 14.15 36.88
N LYS E 43 11.36 15.04 36.54
CA LYS E 43 11.35 16.41 37.04
C LYS E 43 10.06 17.12 36.64
N LYS E 44 9.65 16.97 35.38
CA LYS E 44 8.41 17.59 34.92
C LYS E 44 7.19 17.06 35.66
N LEU E 45 7.13 15.74 35.81
CA LEU E 45 6.02 15.08 36.49
C LEU E 45 5.92 15.53 37.94
N LYS E 46 7.03 15.46 38.65
CA LYS E 46 7.07 15.81 40.06
C LYS E 46 6.77 17.29 40.32
N GLU E 47 7.33 18.16 39.48
CA GLU E 47 7.07 19.59 39.62
C GLU E 47 5.62 19.95 39.31
N THR E 48 5.00 19.22 38.38
CA THR E 48 3.64 19.54 37.99
C THR E 48 2.62 18.98 38.99
N GLY E 49 2.84 17.74 39.42
CA GLY E 49 1.87 17.06 40.26
C GLY E 49 2.06 17.19 41.75
N GLY E 50 3.26 17.56 42.19
CA GLY E 50 3.52 17.66 43.60
C GLY E 50 3.54 16.25 44.17
N ASP E 51 2.93 16.06 45.35
CA ASP E 51 2.89 14.74 45.98
C ASP E 51 2.02 13.71 45.26
N ASP E 52 1.06 14.17 44.47
CA ASP E 52 0.18 13.26 43.75
C ASP E 52 0.87 12.57 42.56
N TRP E 53 2.09 13.02 42.28
CA TRP E 53 2.81 12.60 41.09
C TRP E 53 3.11 11.11 41.10
N VAL E 54 3.35 10.54 42.29
CA VAL E 54 3.66 9.13 42.41
C VAL E 54 2.51 8.23 41.93
N LYS E 55 1.34 8.41 42.55
CA LYS E 55 0.14 7.67 42.19
C LYS E 55 -0.24 7.91 40.73
N ASP E 56 -0.27 9.18 40.35
CA ASP E 56 -0.64 9.56 38.98
C ASP E 56 0.24 8.82 37.99
N THR E 57 1.53 8.84 38.28
CA THR E 57 2.54 8.20 37.44
C THR E 57 2.28 6.71 37.34
N LYS E 58 1.94 6.09 38.47
CA LYS E 58 1.63 4.66 38.47
C LYS E 58 0.47 4.34 37.54
N PHE E 59 -0.59 5.16 37.61
CA PHE E 59 -1.74 4.97 36.72
C PHE E 59 -1.33 5.09 35.25
N ILE E 60 -0.58 6.15 34.95
CA ILE E 60 -0.06 6.37 33.61
C ILE E 60 0.76 5.18 33.10
N ILE E 61 1.57 4.60 33.99
CA ILE E 61 2.40 3.45 33.63
C ILE E 61 1.57 2.21 33.36
N VAL E 62 0.53 1.99 34.16
CA VAL E 62 -0.38 0.88 33.88
C VAL E 62 -1.01 1.05 32.49
N PHE E 63 -1.39 2.28 32.17
CA PHE E 63 -1.92 2.56 30.83
C PHE E 63 -0.91 2.27 29.73
N ALA E 64 0.34 2.69 29.93
CA ALA E 64 1.40 2.45 28.96
C ALA E 64 1.62 0.95 28.75
N LEU E 65 1.67 0.20 29.84
CA LEU E 65 1.87 -1.23 29.79
C LEU E 65 0.76 -1.97 29.05
N THR E 66 -0.49 -1.54 29.25
CA THR E 66 -1.60 -2.31 28.71
C THR E 66 -2.17 -1.82 27.38
N ARG E 67 -1.93 -0.55 27.06
CA ARG E 67 -2.59 0.08 25.90
C ARG E 67 -1.63 0.86 25.01
N GLY E 68 -0.46 1.22 25.54
CA GLY E 68 0.53 1.95 24.77
C GLY E 68 0.44 3.46 24.87
N ASN E 69 0.69 4.14 23.75
CA ASN E 69 0.74 5.59 23.73
C ASN E 69 -0.50 6.29 23.18
N LYS E 70 -1.36 5.56 22.48
CA LYS E 70 -2.49 6.18 21.78
C LYS E 70 -3.64 6.51 22.73
N ILE E 71 -3.49 7.65 23.39
CA ILE E 71 -4.37 8.07 24.47
C ILE E 71 -5.84 8.24 24.04
N VAL E 72 -6.08 8.99 22.98
CA VAL E 72 -7.45 9.28 22.55
C VAL E 72 -8.21 8.02 22.10
N LYS E 73 -7.61 7.31 21.15
CA LYS E 73 -8.19 6.08 20.60
C LYS E 73 -8.48 5.04 21.68
N ALA E 74 -7.54 4.87 22.61
CA ALA E 74 -7.72 3.90 23.67
C ALA E 74 -8.76 4.39 24.67
N SER E 75 -8.85 5.68 24.85
CA SER E 75 -9.80 6.31 25.75
C SER E 75 -11.23 6.05 25.31
N GLY E 76 -11.39 5.93 24.02
CA GLY E 76 -12.65 5.53 23.46
C GLY E 76 -13.01 4.08 23.67
N LYS E 77 -12.08 3.25 24.10
CA LYS E 77 -12.34 1.85 24.23
C LYS E 77 -11.92 1.33 25.59
N MET E 78 -12.54 1.86 26.63
CA MET E 78 -12.29 1.45 27.98
C MET E 78 -13.38 1.85 28.94
N SER E 79 -13.27 1.40 30.16
CA SER E 79 -14.23 1.72 31.21
C SER E 79 -14.33 3.22 31.42
N ASN E 80 -15.43 3.67 32.03
CA ASN E 80 -15.67 5.08 32.30
C ASN E 80 -14.62 5.71 33.22
N SER E 81 -14.34 5.05 34.34
CA SER E 81 -13.36 5.55 35.30
C SER E 81 -11.97 5.72 34.69
N GLY E 82 -11.53 4.69 33.98
CA GLY E 82 -10.26 4.72 33.28
C GLY E 82 -10.15 5.87 32.31
N SER E 83 -11.16 6.01 31.44
CA SER E 83 -11.18 7.07 30.45
C SER E 83 -11.11 8.44 31.13
N LYS E 84 -11.90 8.62 32.19
CA LYS E 84 -11.94 9.89 32.90
C LYS E 84 -10.60 10.27 33.50
N ARG E 85 -10.00 9.37 34.26
CA ARG E 85 -8.73 9.68 34.89
C ARG E 85 -7.64 9.83 33.86
N LEU E 86 -7.73 9.09 32.76
CA LEU E 86 -6.76 9.19 31.69
C LEU E 86 -6.79 10.57 31.04
N MET E 87 -7.98 11.06 30.69
CA MET E 87 -8.12 12.40 30.13
C MET E 87 -7.62 13.47 31.10
N ALA E 88 -7.99 13.30 32.36
CA ALA E 88 -7.58 14.23 33.41
C ALA E 88 -6.06 14.30 33.52
N LEU E 89 -5.41 13.15 33.49
CA LEU E 89 -3.96 13.09 33.60
C LEU E 89 -3.25 13.64 32.37
N GLN E 90 -3.83 13.38 31.20
CA GLN E 90 -3.27 13.93 29.96
C GLN E 90 -3.24 15.44 30.03
N GLU E 91 -4.39 16.05 30.31
CA GLU E 91 -4.42 17.50 30.39
C GLU E 91 -3.54 18.03 31.51
N LYS E 92 -3.55 17.33 32.63
CA LYS E 92 -2.78 17.73 33.81
C LYS E 92 -1.28 17.79 33.54
N TYR E 93 -0.76 16.80 32.81
CA TYR E 93 0.69 16.71 32.59
C TYR E 93 1.10 17.03 31.16
N GLY E 94 0.12 17.33 30.31
CA GLY E 94 0.40 17.58 28.91
C GLY E 94 0.94 16.35 28.23
N LEU E 95 0.32 15.20 28.51
CA LEU E 95 0.75 13.96 27.89
C LEU E 95 0.44 13.99 26.40
N VAL E 96 1.38 13.50 25.61
CA VAL E 96 1.19 13.38 24.17
C VAL E 96 1.38 11.94 23.71
N GLU E 97 0.93 11.66 22.50
CA GLU E 97 0.88 10.30 21.98
C GLU E 97 2.14 9.95 21.17
N ARG E 98 2.92 10.96 20.83
CA ARG E 98 4.12 10.74 20.02
C ARG E 98 5.30 11.47 20.62
N ALA E 99 6.44 10.78 20.71
CA ALA E 99 7.67 11.42 21.14
C ALA E 99 8.27 12.04 19.89
N GLU E 100 8.13 13.35 19.75
CA GLU E 100 8.61 14.07 18.58
C GLU E 100 9.78 14.96 18.98
N THR E 101 9.85 15.24 20.27
CA THR E 101 10.83 16.16 20.84
C THR E 101 11.39 15.55 22.11
N ARG E 102 12.49 16.09 22.61
CA ARG E 102 13.09 15.62 23.84
C ARG E 102 12.17 15.90 25.04
N LEU E 103 11.30 16.88 24.86
CA LEU E 103 10.38 17.31 25.93
C LEU E 103 9.06 16.56 25.87
N SER E 104 8.79 15.88 24.76
CA SER E 104 7.54 15.16 24.60
C SER E 104 7.42 14.09 25.69
N ILE E 105 6.29 14.11 26.39
CA ILE E 105 6.05 13.14 27.45
C ILE E 105 4.96 12.17 27.05
N THR E 106 5.37 10.95 26.71
CA THR E 106 4.45 9.89 26.36
C THR E 106 4.37 8.96 27.55
N PRO E 107 3.26 8.22 27.69
CA PRO E 107 3.12 7.23 28.76
C PRO E 107 4.26 6.22 28.77
N VAL E 108 4.66 5.75 27.58
CA VAL E 108 5.75 4.79 27.46
C VAL E 108 7.08 5.38 27.94
N ARG E 109 7.32 6.65 27.65
CA ARG E 109 8.52 7.32 28.14
C ARG E 109 8.52 7.41 29.67
N VAL E 110 7.34 7.68 30.23
CA VAL E 110 7.15 7.66 31.67
C VAL E 110 7.49 6.29 32.26
N ALA E 111 6.95 5.25 31.65
CA ALA E 111 7.20 3.87 32.08
C ALA E 111 8.69 3.54 32.03
N GLN E 112 9.34 3.97 30.96
CA GLN E 112 10.77 3.72 30.76
C GLN E 112 11.64 4.55 31.72
N SER E 113 11.08 5.65 32.23
CA SER E 113 11.81 6.49 33.17
C SER E 113 11.90 5.85 34.56
N LEU E 114 10.96 4.95 34.85
CA LEU E 114 10.91 4.25 36.14
C LEU E 114 10.89 2.73 35.93
N PRO E 115 11.99 2.17 35.40
CA PRO E 115 11.99 0.80 34.87
C PRO E 115 11.79 -0.34 35.88
N THR E 116 12.35 -0.22 37.09
CA THR E 116 12.17 -1.27 38.09
C THR E 116 10.72 -1.41 38.53
N TRP E 117 10.07 -0.27 38.71
CA TRP E 117 8.65 -0.27 39.05
C TRP E 117 7.81 -0.75 37.88
N THR E 118 8.05 -0.17 36.71
CA THR E 118 7.34 -0.58 35.49
C THR E 118 7.38 -2.09 35.25
N CYS E 119 8.57 -2.67 35.41
CA CYS E 119 8.74 -4.10 35.18
C CYS E 119 8.12 -4.96 36.28
N ALA E 120 8.17 -4.48 37.52
CA ALA E 120 7.52 -5.18 38.61
C ALA E 120 6.01 -5.20 38.41
N ALA E 121 5.46 -4.06 38.03
CA ALA E 121 4.04 -3.91 37.76
C ALA E 121 3.64 -4.78 36.57
N ALA E 122 4.53 -4.87 35.58
CA ALA E 122 4.27 -5.67 34.40
C ALA E 122 4.18 -7.14 34.78
N ALA E 123 5.07 -7.56 35.69
CA ALA E 123 5.04 -8.94 36.15
C ALA E 123 3.75 -9.21 36.91
N ALA E 124 3.34 -8.26 37.75
CA ALA E 124 2.10 -8.36 38.50
C ALA E 124 0.84 -8.32 37.62
N LEU E 125 0.90 -7.58 36.52
CA LEU E 125 -0.25 -7.41 35.63
C LEU E 125 -0.12 -8.27 34.38
N LYS E 126 0.52 -9.42 34.55
CA LYS E 126 0.83 -10.35 33.47
C LYS E 126 -0.30 -10.65 32.47
N GLU E 127 -1.48 -11.01 32.98
CA GLU E 127 -2.60 -11.41 32.11
C GLU E 127 -3.22 -10.24 31.36
N TYR E 128 -2.83 -9.02 31.71
CA TYR E 128 -3.42 -7.83 31.09
C TYR E 128 -2.53 -7.25 30.00
N LEU E 129 -1.35 -7.84 29.81
CA LEU E 129 -0.41 -7.33 28.82
C LEU E 129 -0.80 -7.74 27.40
N PRO E 130 -0.53 -6.87 26.42
CA PRO E 130 -0.81 -7.16 25.01
C PRO E 130 -0.02 -8.35 24.51
N VAL E 131 1.25 -8.43 24.90
CA VAL E 131 2.07 -9.59 24.58
C VAL E 131 2.59 -10.20 25.89
N GLY E 132 1.84 -11.16 26.41
CA GLY E 132 2.15 -11.77 27.69
C GLY E 132 2.32 -13.28 27.59
N PRO E 133 2.03 -13.99 28.70
CA PRO E 133 2.20 -15.44 28.83
C PRO E 133 1.49 -16.24 27.74
N ALA E 134 0.32 -15.79 27.29
CA ALA E 134 -0.39 -16.48 26.21
C ALA E 134 0.50 -16.60 24.97
N VAL E 135 1.08 -15.47 24.57
CA VAL E 135 1.98 -15.41 23.42
C VAL E 135 3.33 -16.08 23.73
N MET E 136 3.90 -15.77 24.89
CA MET E 136 5.25 -16.23 25.24
C MET E 136 5.39 -17.72 25.51
N ASN E 137 4.39 -18.31 26.17
CA ASN E 137 4.41 -19.73 26.48
C ASN E 137 4.52 -20.62 25.24
N LEU E 138 3.95 -20.13 24.14
CA LEU E 138 3.99 -20.85 22.88
C LEU E 138 5.42 -20.91 22.33
N LYS E 139 6.23 -19.91 22.67
CA LYS E 139 7.60 -19.85 22.18
C LYS E 139 8.57 -20.55 23.13
N VAL E 140 8.27 -20.48 24.44
CA VAL E 140 9.18 -20.91 25.51
C VAL E 140 8.43 -21.15 26.81
N GLU E 141 8.97 -21.98 27.70
CA GLU E 141 8.34 -22.20 29.00
C GLU E 141 8.86 -21.16 30.00
N ASN E 142 7.94 -20.57 30.76
CA ASN E 142 8.28 -19.66 31.85
C ASN E 142 9.09 -18.43 31.43
N TYR E 143 8.71 -17.80 30.32
CA TYR E 143 9.38 -16.55 29.94
C TYR E 143 9.22 -15.58 31.09
N PRO E 144 10.33 -14.96 31.52
CA PRO E 144 10.29 -14.07 32.69
C PRO E 144 9.34 -12.90 32.47
N PRO E 145 8.35 -12.75 33.38
CA PRO E 145 7.28 -11.75 33.24
C PRO E 145 7.78 -10.32 33.33
N GLU E 146 8.87 -10.11 34.06
CA GLU E 146 9.48 -8.79 34.15
C GLU E 146 10.03 -8.34 32.80
N MET E 147 10.31 -9.31 31.95
CA MET E 147 10.82 -9.05 30.63
C MET E 147 9.74 -8.67 29.64
N MET E 148 8.47 -8.77 30.00
CA MET E 148 7.40 -8.54 29.04
C MET E 148 6.93 -7.09 28.91
N CYS E 149 7.85 -6.15 28.84
CA CYS E 149 7.54 -4.75 28.73
C CYS E 149 8.68 -3.95 28.12
N MET E 150 8.39 -2.76 27.67
CA MET E 150 9.34 -1.89 26.99
C MET E 150 10.43 -1.37 27.93
N ALA E 151 10.24 -1.53 29.23
CA ALA E 151 11.13 -0.95 30.22
C ALA E 151 12.29 -1.86 30.60
N PHE E 152 12.19 -3.15 30.26
CA PHE E 152 13.19 -4.12 30.70
C PHE E 152 14.59 -3.89 30.14
N GLY E 153 14.66 -3.30 28.95
CA GLY E 153 15.95 -3.01 28.33
C GLY E 153 16.85 -2.15 29.20
N SER E 154 16.25 -1.21 29.92
CA SER E 154 16.98 -0.32 30.80
C SER E 154 17.60 -1.06 31.98
N LEU E 155 17.12 -2.27 32.24
CA LEU E 155 17.54 -3.04 33.40
C LEU E 155 18.63 -4.06 33.08
N ILE E 156 19.03 -4.13 31.82
CA ILE E 156 20.12 -5.02 31.41
C ILE E 156 21.47 -4.36 31.67
N PRO E 157 22.30 -4.99 32.51
CA PRO E 157 23.58 -4.42 32.94
C PRO E 157 24.73 -4.65 31.95
N THR E 158 25.63 -3.66 31.85
CA THR E 158 26.80 -3.74 31.01
C THR E 158 28.04 -3.89 31.88
N ALA E 159 27.83 -4.01 33.18
CA ALA E 159 28.90 -4.03 34.15
C ALA E 159 28.47 -4.84 35.37
N GLY E 160 29.40 -5.60 35.92
CA GLY E 160 29.10 -6.48 37.03
C GLY E 160 28.72 -7.86 36.50
N VAL E 161 28.68 -7.97 35.16
CA VAL E 161 28.44 -9.24 34.49
C VAL E 161 29.35 -9.37 33.27
N SER E 162 29.50 -10.60 32.78
CA SER E 162 30.24 -10.85 31.56
C SER E 162 29.49 -10.29 30.37
N GLU E 163 30.20 -9.98 29.29
CA GLU E 163 29.56 -9.51 28.08
C GLU E 163 28.68 -10.60 27.50
N ALA E 164 28.99 -11.84 27.85
CA ALA E 164 28.22 -13.00 27.41
C ALA E 164 26.87 -13.03 28.12
N THR E 165 26.86 -12.71 29.42
CA THR E 165 25.61 -12.59 30.17
C THR E 165 24.72 -11.54 29.55
N THR E 166 25.30 -10.36 29.31
CA THR E 166 24.59 -9.25 28.68
C THR E 166 24.01 -9.65 27.34
N LYS E 167 24.83 -10.32 26.53
CA LYS E 167 24.45 -10.76 25.19
C LYS E 167 23.24 -11.71 25.30
N THR E 168 23.34 -12.66 26.23
CA THR E 168 22.27 -13.62 26.48
C THR E 168 20.95 -12.97 26.90
N LEU E 169 21.02 -12.11 27.92
CA LEU E 169 19.85 -11.35 28.37
C LEU E 169 19.23 -10.55 27.24
N MET E 170 20.07 -9.89 26.45
CA MET E 170 19.59 -9.09 25.33
C MET E 170 18.89 -9.96 24.29
N GLU E 171 19.33 -11.21 24.13
CA GLU E 171 18.68 -12.11 23.19
C GLU E 171 17.33 -12.61 23.75
N ALA E 172 17.32 -12.96 25.03
CA ALA E 172 16.10 -13.37 25.72
C ALA E 172 15.04 -12.28 25.63
N TYR E 173 15.44 -11.06 25.92
CA TYR E 173 14.57 -9.89 25.83
C TYR E 173 14.17 -9.65 24.37
N SER E 174 15.09 -9.93 23.46
CA SER E 174 14.83 -9.77 22.03
C SER E 174 13.72 -10.70 21.55
N LEU E 175 13.55 -11.84 22.23
CA LEU E 175 12.42 -12.71 21.91
C LEU E 175 11.10 -11.96 22.09
N TRP E 176 10.96 -11.32 23.26
CA TRP E 176 9.77 -10.53 23.55
C TRP E 176 9.67 -9.33 22.62
N GLN E 177 10.78 -8.65 22.38
CA GLN E 177 10.77 -7.48 21.49
C GLN E 177 10.29 -7.86 20.09
N ASP E 178 10.74 -9.01 19.60
CA ASP E 178 10.31 -9.54 18.32
C ASP E 178 8.81 -9.80 18.29
N ALA E 179 8.35 -10.60 19.25
CA ALA E 179 6.94 -10.94 19.30
C ALA E 179 6.05 -9.70 19.42
N PHE E 180 6.47 -8.77 20.28
CA PHE E 180 5.75 -7.53 20.51
C PHE E 180 5.68 -6.68 19.26
N THR E 181 6.83 -6.44 18.63
CA THR E 181 6.91 -5.67 17.40
C THR E 181 6.01 -6.25 16.32
N LYS E 182 6.10 -7.55 16.10
CA LYS E 182 5.24 -8.19 15.11
C LYS E 182 3.75 -8.09 15.48
N THR E 183 3.44 -8.19 16.77
CA THR E 183 2.05 -8.20 17.23
C THR E 183 1.37 -6.82 17.24
N ILE E 184 2.15 -5.75 17.39
CA ILE E 184 1.54 -4.41 17.42
C ILE E 184 1.88 -3.50 16.23
N ASN E 185 3.06 -3.67 15.67
CA ASN E 185 3.47 -2.79 14.62
C ASN E 185 3.01 -3.37 13.29
N VAL E 186 1.84 -2.90 12.82
CA VAL E 186 1.18 -3.44 11.64
C VAL E 186 2.06 -3.24 10.43
N LYS E 187 2.95 -2.29 10.51
CA LYS E 187 3.88 -2.04 9.45
C LYS E 187 4.71 -3.28 9.22
N MET E 188 4.97 -4.05 10.27
CA MET E 188 5.86 -5.19 10.16
C MET E 188 5.31 -6.54 9.70
N ARG E 189 4.58 -6.54 8.59
CA ARG E 189 3.95 -7.72 8.00
C ARG E 189 4.89 -8.37 7.00
N GLY E 190 5.15 -9.66 7.17
CA GLY E 190 5.98 -10.39 6.22
C GLY E 190 7.43 -10.03 6.49
N ALA E 191 7.64 -9.34 7.60
CA ALA E 191 8.93 -8.79 7.97
C ALA E 191 9.87 -9.86 8.51
N SER E 192 11.09 -9.90 7.96
CA SER E 192 12.09 -10.89 8.34
C SER E 192 12.51 -10.71 9.81
N LYS E 193 13.16 -11.72 10.37
CA LYS E 193 13.70 -11.63 11.72
C LYS E 193 14.59 -10.40 11.85
N THR E 194 15.47 -10.21 10.87
CA THR E 194 16.42 -9.11 10.88
C THR E 194 15.76 -7.74 10.68
N GLU E 195 14.71 -7.69 9.85
CA GLU E 195 13.99 -6.44 9.63
C GLU E 195 13.35 -5.94 10.92
N VAL E 196 12.72 -6.85 11.65
CA VAL E 196 12.11 -6.48 12.92
C VAL E 196 13.18 -6.24 14.00
N TYR E 197 14.30 -6.95 13.92
CA TYR E 197 15.40 -6.72 14.85
C TYR E 197 15.89 -5.28 14.75
N ASN E 198 16.05 -4.83 13.51
CA ASN E 198 16.54 -3.49 13.24
C ASN E 198 15.55 -2.40 13.66
N SER E 199 14.28 -2.77 13.76
CA SER E 199 13.24 -1.85 14.20
C SER E 199 13.36 -1.51 15.68
N PHE E 200 14.10 -2.34 16.42
CA PHE E 200 14.30 -2.11 17.84
C PHE E 200 15.76 -2.16 18.29
N ARG E 201 16.69 -2.23 17.33
CA ARG E 201 18.11 -2.32 17.69
C ARG E 201 18.58 -1.12 18.52
N ASP E 202 18.24 0.09 18.06
CA ASP E 202 18.69 1.34 18.69
C ASP E 202 18.11 1.67 20.08
N PRO E 203 16.77 1.65 20.25
CA PRO E 203 16.24 1.94 21.59
C PRO E 203 16.79 0.94 22.60
N LEU E 204 16.95 -0.31 22.19
CA LEU E 204 17.47 -1.34 23.07
C LEU E 204 18.94 -1.09 23.45
N HIS E 205 19.81 -0.89 22.46
CA HIS E 205 21.22 -0.60 22.74
C HIS E 205 21.39 0.69 23.55
N ALA E 206 20.57 1.69 23.24
CA ALA E 206 20.57 2.95 23.98
C ALA E 206 20.16 2.75 25.44
N ALA E 207 19.11 1.96 25.64
CA ALA E 207 18.62 1.66 26.99
C ALA E 207 19.67 0.93 27.83
N VAL E 208 20.35 -0.03 27.22
CA VAL E 208 21.33 -0.86 27.93
C VAL E 208 22.58 -0.07 28.32
N ASN E 209 23.10 0.71 27.37
CA ASN E 209 24.33 1.47 27.59
C ASN E 209 24.13 2.77 28.37
N SER E 210 22.86 3.15 28.54
CA SER E 210 22.52 4.34 29.31
C SER E 210 23.07 4.28 30.73
N VAL E 211 23.43 5.45 31.25
CA VAL E 211 24.05 5.55 32.58
C VAL E 211 23.11 6.15 33.62
N PHE E 212 21.90 6.54 33.21
CA PHE E 212 20.94 7.13 34.14
C PHE E 212 20.62 6.18 35.28
N PHE E 213 20.29 4.94 34.94
CA PHE E 213 19.97 3.93 35.94
C PHE E 213 21.18 3.03 36.21
N PRO E 214 21.69 3.06 37.45
CA PRO E 214 22.96 2.42 37.82
C PRO E 214 22.98 0.90 37.59
N ASN E 215 24.08 0.39 37.05
CA ASN E 215 24.24 -1.03 36.73
C ASN E 215 24.14 -1.98 37.93
N ASP E 216 24.72 -1.59 39.07
CA ASP E 216 24.72 -2.44 40.26
C ASP E 216 23.31 -2.71 40.76
N VAL E 217 22.45 -1.71 40.65
CA VAL E 217 21.05 -1.84 41.04
C VAL E 217 20.34 -2.81 40.09
N ARG E 218 20.66 -2.68 38.79
CA ARG E 218 20.14 -3.58 37.77
C ARG E 218 20.46 -5.03 38.14
N VAL E 219 21.74 -5.29 38.40
CA VAL E 219 22.21 -6.62 38.76
C VAL E 219 21.51 -7.15 40.01
N LYS E 220 21.47 -6.33 41.06
CA LYS E 220 20.84 -6.70 42.32
C LYS E 220 19.38 -7.07 42.11
N TRP E 221 18.69 -6.27 41.28
CA TRP E 221 17.28 -6.43 41.02
C TRP E 221 17.04 -7.73 40.23
N LEU E 222 17.86 -7.95 39.20
CA LEU E 222 17.78 -9.18 38.40
C LEU E 222 18.03 -10.44 39.22
N LYS E 223 18.93 -10.34 40.19
CA LYS E 223 19.20 -11.48 41.07
C LYS E 223 17.99 -11.70 41.97
N ALA E 224 17.45 -10.61 42.52
CA ALA E 224 16.27 -10.67 43.39
C ALA E 224 15.05 -11.28 42.68
N LYS E 225 14.93 -11.03 41.37
CA LYS E 225 13.81 -11.56 40.61
C LYS E 225 14.17 -12.92 40.00
N GLY E 226 15.39 -13.36 40.30
CA GLY E 226 15.85 -14.67 39.84
C GLY E 226 16.12 -14.75 38.35
N ILE E 227 16.28 -13.61 37.69
CA ILE E 227 16.62 -13.59 36.27
C ILE E 227 18.11 -13.83 36.14
N LEU E 228 18.86 -13.40 37.14
CA LEU E 228 20.26 -13.80 37.29
C LEU E 228 20.38 -14.75 38.46
N GLY E 229 21.23 -15.77 38.30
CA GLY E 229 21.53 -16.67 39.40
C GLY E 229 22.40 -15.95 40.41
N PRO E 230 22.64 -16.58 41.57
CA PRO E 230 23.51 -16.02 42.61
C PRO E 230 24.95 -15.89 42.12
N ASP E 231 25.25 -16.56 41.01
CA ASP E 231 26.59 -16.55 40.43
C ASP E 231 26.74 -15.44 39.39
N GLY E 232 25.62 -14.85 38.98
CA GLY E 232 25.64 -13.71 38.08
C GLY E 232 25.45 -14.07 36.62
N VAL E 233 24.99 -15.29 36.37
CA VAL E 233 24.72 -15.74 35.01
C VAL E 233 23.22 -15.96 34.86
N PRO E 234 22.70 -15.77 33.63
CA PRO E 234 21.25 -15.86 33.38
C PRO E 234 20.65 -17.17 33.87
N SER E 235 19.42 -17.10 34.35
CA SER E 235 18.72 -18.30 34.79
C SER E 235 18.52 -19.22 33.60
N ARG E 236 18.13 -20.45 33.87
CA ARG E 236 17.93 -21.42 32.82
C ARG E 236 16.84 -20.92 31.86
N ALA E 237 15.80 -20.30 32.41
CA ALA E 237 14.71 -19.74 31.61
C ALA E 237 15.21 -18.65 30.64
N ALA E 238 16.10 -17.81 31.14
CA ALA E 238 16.70 -16.75 30.33
C ALA E 238 17.52 -17.36 29.20
N GLU E 239 18.32 -18.37 29.56
CA GLU E 239 19.15 -19.10 28.60
C GLU E 239 18.32 -19.72 27.49
N VAL E 240 17.23 -20.39 27.87
CA VAL E 240 16.31 -21.00 26.92
C VAL E 240 15.68 -19.95 26.01
N ALA E 241 15.31 -18.81 26.59
CA ALA E 241 14.76 -17.73 25.80
C ALA E 241 15.76 -17.20 24.76
N ALA E 242 17.01 -17.03 25.19
CA ALA E 242 18.08 -16.60 24.30
C ALA E 242 18.29 -17.58 23.14
N ALA E 243 18.43 -18.85 23.47
CA ALA E 243 18.56 -19.90 22.46
C ALA E 243 17.38 -19.87 21.50
N ALA E 244 16.18 -19.67 22.06
CA ALA E 244 14.96 -19.61 21.28
C ALA E 244 15.00 -18.44 20.31
N TYR E 245 15.64 -17.35 20.70
CA TYR E 245 15.76 -16.21 19.80
C TYR E 245 16.80 -16.45 18.70
N ARG E 246 17.96 -16.98 19.07
CA ARG E 246 18.99 -17.30 18.10
C ARG E 246 18.48 -18.32 17.08
N ASN E 247 17.74 -19.31 17.57
CA ASN E 247 17.21 -20.38 16.71
C ASN E 247 16.09 -19.92 15.77
N LEU E 248 15.63 -18.68 15.97
CA LEU E 248 14.72 -17.89 15.11
C LEU E 248 13.44 -17.48 15.85
N53 SVR F . 13.62 7.63 -17.92
C55 SVR F . 12.26 7.48 -17.41
C56 SVR F . 11.19 7.53 -18.31
C57 SVR F . 12.03 7.29 -16.06
C59 SVR F . 13.16 7.23 -15.09
C60 SVR F . 10.73 7.15 -15.59
C62 SVR F . 9.66 7.20 -16.47
C58 SVR F . 9.87 7.39 -17.84
C61 SVR F . 8.72 7.44 -18.80
O64 SVR F . 8.96 7.57 -20.00
N63 SVR F . 7.35 7.34 -18.29
C65 SVR F . 6.13 7.36 -19.08
C67 SVR F . 6.06 6.56 -20.19
C70 SVR F . 4.94 6.52 -20.98
C71 SVR F . 3.82 7.27 -20.69
S75 SVR F . 2.41 7.17 -21.77
O80 SVR F . 2.13 8.44 -22.37
O81 SVR F . 2.60 6.34 -22.94
O82 SVR F . 1.25 6.68 -21.01
C66 SVR F . 5.00 8.17 -18.74
C68 SVR F . 3.85 8.11 -19.57
C72 SVR F . 2.73 8.89 -19.26
C69 SVR F . 4.97 9.02 -17.60
S73 SVR F . 6.31 9.21 -16.47
O77 SVR F . 6.00 10.14 -15.41
O78 SVR F . 7.44 9.84 -17.11
O79 SVR F . 6.68 7.91 -15.92
C74 SVR F . 3.83 9.77 -17.35
C76 SVR F . 2.74 9.70 -18.16
S83 SVR F . 1.30 10.67 -17.80
O85 SVR F . 1.65 11.81 -16.94
O86 SVR F . 0.62 11.10 -19.01
O84 SVR F . 0.28 9.84 -17.20
N53 SVR G . -13.52 -0.15 -20.97
C55 SVR G . -13.65 0.03 -19.53
C56 SVR G . -14.89 -0.11 -18.92
C57 SVR G . -12.53 0.35 -18.76
C59 SVR G . -11.19 0.51 -19.40
C60 SVR G . -12.65 0.54 -17.40
C62 SVR G . -13.89 0.40 -16.78
C58 SVR G . -15.02 0.09 -17.53
C61 SVR G . -16.36 -0.07 -16.83
O64 SVR G . -17.36 -0.33 -17.50
N63 SVR G . -16.38 0.09 -15.38
C65 SVR G . -17.50 -0.05 -14.47
C67 SVR G . -18.28 -1.18 -14.60
C70 SVR G . -19.34 -1.45 -13.79
C71 SVR G . -19.67 -0.59 -12.76
S75 SVR G . -21.06 -0.97 -11.73
O80 SVR G . -22.04 0.08 -11.78
O81 SVR G . -21.83 -2.11 -12.16
O82 SVR G . -20.59 -1.17 -10.35
C66 SVR G . -17.79 0.87 -13.41
C68 SVR G . -18.91 0.56 -12.58
C72 SVR G . -19.26 1.43 -11.53
C69 SVR G . -17.07 2.05 -13.14
S73 SVR G . -15.67 2.58 -14.09
O77 SVR G . -15.19 3.89 -13.71
O78 SVR G . -16.03 2.79 -15.47
O79 SVR G . -14.59 1.61 -13.98
C74 SVR G . -17.47 2.89 -12.10
C76 SVR G . -18.54 2.57 -11.31
S83 SVR G . -19.07 3.58 -9.96
O85 SVR G . -18.17 3.42 -8.81
O86 SVR G . -19.21 4.96 -10.35
O84 SVR G . -20.43 3.27 -9.59
N53 SVR H . -22.47 -5.40 4.47
C55 SVR H . -21.23 -4.90 5.05
C56 SVR H . -21.07 -4.87 6.45
C57 SVR H . -20.22 -4.46 4.22
C59 SVR H . -20.39 -4.49 2.74
C60 SVR H . -19.04 -3.98 4.76
C62 SVR H . -18.86 -3.94 6.14
C58 SVR H . -19.88 -4.37 6.99
C61 SVR H . -19.62 -4.32 8.48
O64 SVR H . -20.42 -4.82 9.26
N63 SVR H . -18.38 -3.66 8.89
C65 SVR H . -17.83 -3.47 10.21
C67 SVR H . -17.87 -4.55 11.06
C70 SVR H . -17.34 -4.50 12.32
C71 SVR H . -16.72 -3.36 12.78
S75 SVR H . -16.07 -3.41 14.44
O80 SVR H . -16.42 -2.23 15.18
O81 SVR H . -16.65 -4.45 15.25
O82 SVR H . -14.61 -3.58 14.38
C66 SVR H . -17.19 -2.28 10.63
C68 SVR H . -16.64 -2.24 11.96
C72 SVR H . -16.02 -1.07 12.42
C69 SVR H . -17.07 -1.11 9.84
S73 SVR H . -17.70 -0.94 8.18
O77 SVR H . -17.68 0.42 7.72
O78 SVR H . -19.10 -1.26 8.11
O79 SVR H . -16.92 -1.79 7.28
C74 SVR H . -16.45 0.01 10.35
C76 SVR H . -15.93 0.03 11.61
S83 SVR H . -15.13 1.47 12.24
O85 SVR H . -14.17 1.09 13.29
O86 SVR H . -14.50 2.22 11.19
O84 SVR H . -16.10 2.41 12.74
N53 SVR I . 21.44 6.39 9.67
C55 SVR I . 20.50 6.60 8.56
C56 SVR I . 20.97 7.02 7.32
C57 SVR I . 19.15 6.37 8.76
C59 SVR I . 18.64 5.91 10.08
C60 SVR I . 18.25 6.56 7.72
C62 SVR I . 18.71 6.98 6.47
C58 SVR I . 20.07 7.22 6.26
C61 SVR I . 20.56 7.68 4.91
O64 SVR I . 21.77 7.89 4.76
N63 SVR I . 19.59 7.87 3.82
C65 SVR I . 19.88 8.30 2.47
C67 SVR I . 20.92 7.72 1.79
C70 SVR I . 21.24 8.06 0.51
C71 SVR I . 20.51 9.00 -0.19
S75 SVR I . 21.00 9.36 -1.85
O80 SVR I . 21.69 10.63 -1.90
O81 SVR I . 22.01 8.47 -2.37
O82 SVR I . 19.84 9.37 -2.75
C66 SVR I . 19.08 9.27 1.79
C68 SVR I . 19.43 9.63 0.45
C72 SVR I . 18.66 10.59 -0.22
C69 SVR I . 17.99 9.94 2.39
S73 SVR I . 17.46 9.60 4.05
O77 SVR I . 16.36 10.44 4.47
O78 SVR I . 18.49 9.93 5.01
O79 SVR I . 17.08 8.20 4.17
C74 SVR I . 17.27 10.88 1.68
C76 SVR I . 17.61 11.20 0.39
S83 SVR I . 16.70 12.40 -0.53
O85 SVR I . 15.33 11.93 -0.77
O86 SVR I . 16.71 13.70 0.10
O84 SVR I . 17.36 12.70 -1.78
N53 SVR J . -0.44 -2.28 24.14
C55 SVR J . 0.22 -1.50 23.11
C56 SVR J . 1.48 -0.94 23.36
C57 SVR J . -0.38 -1.30 21.88
C59 SVR J . -1.72 -1.90 21.60
C60 SVR J . 0.24 -0.56 20.89
C62 SVR J . 1.48 0.00 21.12
C58 SVR J . 2.11 -0.17 22.36
C61 SVR J . 3.47 0.44 22.60
O64 SVR J . 3.96 0.37 23.72
N63 SVR J . 4.14 1.08 21.47
C65 SVR J . 5.45 1.69 21.48
C67 SVR J . 6.47 0.93 22.02
C70 SVR J . 7.76 1.39 22.08
C71 SVR J . 8.10 2.62 21.58
S75 SVR J . 9.81 3.13 21.69
O80 SVR J . 9.97 4.24 22.59
O81 SVR J . 10.67 2.15 22.29
O82 SVR J . 10.30 3.48 20.36
C66 SVR J . 5.76 2.98 20.95
C68 SVR J . 7.11 3.43 21.02
C72 SVR J . 7.45 4.69 20.51
C69 SVR J . 4.80 3.85 20.36
S73 SVR J . 3.08 3.47 20.20
O77 SVR J . 2.30 4.61 19.79
O78 SVR J . 2.50 3.15 21.48
O79 SVR J . 2.89 2.37 19.24
C74 SVR J . 5.19 5.08 19.89
C76 SVR J . 6.49 5.50 19.96
S83 SVR J . 7.01 7.07 19.34
O85 SVR J . 7.26 6.97 17.90
O86 SVR J . 6.08 8.13 19.64
O84 SVR J . 8.19 7.53 20.04
#